data_6WAJ
# 
_entry.id   6WAJ 
# 
_audit_conform.dict_name       mmcif_pdbx.dic 
_audit_conform.dict_version    5.380 
_audit_conform.dict_location   http://mmcif.pdb.org/dictionaries/ascii/mmcif_pdbx.dic 
# 
loop_
_database_2.database_id 
_database_2.database_code 
_database_2.pdbx_database_accession 
_database_2.pdbx_DOI 
PDB   6WAJ         pdb_00006waj 10.2210/pdb6waj/pdb 
WWPDB D_1000247661 ?            ?                   
# 
_pdbx_database_status.status_code                     REL 
_pdbx_database_status.status_code_sf                  REL 
_pdbx_database_status.status_code_mr                  ? 
_pdbx_database_status.entry_id                        6WAJ 
_pdbx_database_status.recvd_initial_deposition_date   2020-03-25 
_pdbx_database_status.SG_entry                        Y 
_pdbx_database_status.deposit_site                    RCSB 
_pdbx_database_status.process_site                    RCSB 
_pdbx_database_status.status_code_cs                  ? 
_pdbx_database_status.status_code_nmr_data            ? 
_pdbx_database_status.methods_development_category    ? 
_pdbx_database_status.pdb_format_compatible           Y 
# 
loop_
_audit_author.name 
_audit_author.pdbx_ordinal 
_audit_author.identifier_ORCID 
'Halabelian, L.'                       1 ? 
'Zeng, H.'                             2 ? 
'Li, Y.'                               3 ? 
'Bountra, C.'                          4 ? 
'Edwards, A.M.'                        5 ? 
'Arrowsmith, C.H.'                     6 ? 
'Structural Genomics Consortium (SGC)' 7 ? 
# 
_citation.abstract                  ? 
_citation.abstract_id_CAS           ? 
_citation.book_id_ISBN              ? 
_citation.book_publisher            ? 
_citation.book_publisher_city       ? 
_citation.book_title                ? 
_citation.coordinate_linkage        ? 
_citation.country                   ? 
_citation.database_id_Medline       ? 
_citation.details                   ? 
_citation.id                        primary 
_citation.journal_abbrev            'To be Published' 
_citation.journal_id_ASTM           ? 
_citation.journal_id_CSD            0353 
_citation.journal_id_ISSN           ? 
_citation.journal_full              ? 
_citation.journal_issue             ? 
_citation.journal_volume            ? 
_citation.language                  ? 
_citation.page_first                ? 
_citation.page_last                 ? 
_citation.title                     'Crystal structure of the UBL domain of human NLE1' 
_citation.year                      ? 
_citation.database_id_CSD           ? 
_citation.pdbx_database_id_DOI      ? 
_citation.pdbx_database_id_PubMed   ? 
_citation.unpublished_flag          ? 
# 
loop_
_citation_author.citation_id 
_citation_author.name 
_citation_author.ordinal 
_citation_author.identifier_ORCID 
primary 'Halabelian, L.'                       1 ? 
primary 'Zeng, H.'                             2 ? 
primary 'Li, Y.'                               3 ? 
primary 'Bountra, C.'                          4 ? 
primary 'Edwards, A.M.'                        5 ? 
primary 'Arrowsmith, C.H.'                     6 ? 
primary 'Structural Genomics Consortium (SGC)' 7 ? 
# 
_cell.angle_alpha                  90.000 
_cell.angle_alpha_esd              ? 
_cell.angle_beta                   90.000 
_cell.angle_beta_esd               ? 
_cell.angle_gamma                  120.000 
_cell.angle_gamma_esd              ? 
_cell.entry_id                     6WAJ 
_cell.details                      ? 
_cell.formula_units_Z              ? 
_cell.length_a                     35.546 
_cell.length_a_esd                 ? 
_cell.length_b                     35.546 
_cell.length_b_esd                 ? 
_cell.length_c                     205.994 
_cell.length_c_esd                 ? 
_cell.volume                       ? 
_cell.volume_esd                   ? 
_cell.Z_PDB                        12 
_cell.reciprocal_angle_alpha       ? 
_cell.reciprocal_angle_beta        ? 
_cell.reciprocal_angle_gamma       ? 
_cell.reciprocal_angle_alpha_esd   ? 
_cell.reciprocal_angle_beta_esd    ? 
_cell.reciprocal_angle_gamma_esd   ? 
_cell.reciprocal_length_a          ? 
_cell.reciprocal_length_b          ? 
_cell.reciprocal_length_c          ? 
_cell.reciprocal_length_a_esd      ? 
_cell.reciprocal_length_b_esd      ? 
_cell.reciprocal_length_c_esd      ? 
_cell.pdbx_unique_axis             ? 
# 
_symmetry.entry_id                         6WAJ 
_symmetry.cell_setting                     ? 
_symmetry.Int_Tables_number                178 
_symmetry.space_group_name_Hall            ? 
_symmetry.space_group_name_H-M             'P 61 2 2' 
_symmetry.pdbx_full_space_group_name_H-M   ? 
# 
loop_
_entity.id 
_entity.type 
_entity.src_method 
_entity.pdbx_description 
_entity.formula_weight 
_entity.pdbx_number_of_molecules 
_entity.pdbx_ec 
_entity.pdbx_mutation 
_entity.pdbx_fragment 
_entity.details 
1 polymer     man NLE1                  10578.938 1  ? ? 'UBL domain (UNP residues 1-97)' ? 
2 non-polymer syn 'UNKNOWN ATOM OR ION' ?         4  ? ? ?                                ? 
3 water       nat water                 18.015    13 ? ? ?                                ? 
# 
_entity_poly.entity_id                      1 
_entity_poly.type                           'polypeptide(L)' 
_entity_poly.nstd_linkage                   no 
_entity_poly.nstd_monomer                   no 
_entity_poly.pdbx_seq_one_letter_code       
;GMAAAVADEAVARDVQRLLVQFQDEGGQLLGSPFDVPVDITPDRLQLVCNALLAQEDPLPLAFFVHDAEIVSSLGKTLES
QAVETEKVLDIIYQPQAI
;
_entity_poly.pdbx_seq_one_letter_code_can   
;GMAAAVADEAVARDVQRLLVQFQDEGGQLLGSPFDVPVDITPDRLQLVCNALLAQEDPLPLAFFVHDAEIVSSLGKTLES
QAVETEKVLDIIYQPQAI
;
_entity_poly.pdbx_strand_id                 A 
_entity_poly.pdbx_target_identifier         ? 
# 
loop_
_entity_poly_seq.entity_id 
_entity_poly_seq.num 
_entity_poly_seq.mon_id 
_entity_poly_seq.hetero 
1 1  GLY n 
1 2  MET n 
1 3  ALA n 
1 4  ALA n 
1 5  ALA n 
1 6  VAL n 
1 7  ALA n 
1 8  ASP n 
1 9  GLU n 
1 10 ALA n 
1 11 VAL n 
1 12 ALA n 
1 13 ARG n 
1 14 ASP n 
1 15 VAL n 
1 16 GLN n 
1 17 ARG n 
1 18 LEU n 
1 19 LEU n 
1 20 VAL n 
1 21 GLN n 
1 22 PHE n 
1 23 GLN n 
1 24 ASP n 
1 25 GLU n 
1 26 GLY n 
1 27 GLY n 
1 28 GLN n 
1 29 LEU n 
1 30 LEU n 
1 31 GLY n 
1 32 SER n 
1 33 PRO n 
1 34 PHE n 
1 35 ASP n 
1 36 VAL n 
1 37 PRO n 
1 38 VAL n 
1 39 ASP n 
1 40 ILE n 
1 41 THR n 
1 42 PRO n 
1 43 ASP n 
1 44 ARG n 
1 45 LEU n 
1 46 GLN n 
1 47 LEU n 
1 48 VAL n 
1 49 CYS n 
1 50 ASN n 
1 51 ALA n 
1 52 LEU n 
1 53 LEU n 
1 54 ALA n 
1 55 GLN n 
1 56 GLU n 
1 57 ASP n 
1 58 PRO n 
1 59 LEU n 
1 60 PRO n 
1 61 LEU n 
1 62 ALA n 
1 63 PHE n 
1 64 PHE n 
1 65 VAL n 
1 66 HIS n 
1 67 ASP n 
1 68 ALA n 
1 69 GLU n 
1 70 ILE n 
1 71 VAL n 
1 72 SER n 
1 73 SER n 
1 74 LEU n 
1 75 GLY n 
1 76 LYS n 
1 77 THR n 
1 78 LEU n 
1 79 GLU n 
1 80 SER n 
1 81 GLN n 
1 82 ALA n 
1 83 VAL n 
1 84 GLU n 
1 85 THR n 
1 86 GLU n 
1 87 LYS n 
1 88 VAL n 
1 89 LEU n 
1 90 ASP n 
1 91 ILE n 
1 92 ILE n 
1 93 TYR n 
1 94 GLN n 
1 95 PRO n 
1 96 GLN n 
1 97 ALA n 
1 98 ILE n 
# 
_entity_src_gen.entity_id                          1 
_entity_src_gen.pdbx_src_id                        1 
_entity_src_gen.pdbx_alt_source_flag               sample 
_entity_src_gen.pdbx_seq_type                      'Biological sequence' 
_entity_src_gen.pdbx_beg_seq_num                   1 
_entity_src_gen.pdbx_end_seq_num                   98 
_entity_src_gen.gene_src_common_name               Human 
_entity_src_gen.gene_src_genus                     ? 
_entity_src_gen.pdbx_gene_src_gene                 ? 
_entity_src_gen.gene_src_species                   ? 
_entity_src_gen.gene_src_strain                    ? 
_entity_src_gen.gene_src_tissue                    ? 
_entity_src_gen.gene_src_tissue_fraction           ? 
_entity_src_gen.gene_src_details                   ? 
_entity_src_gen.pdbx_gene_src_fragment             ? 
_entity_src_gen.pdbx_gene_src_scientific_name      'Homo sapiens' 
_entity_src_gen.pdbx_gene_src_ncbi_taxonomy_id     9606 
_entity_src_gen.pdbx_gene_src_variant              ? 
_entity_src_gen.pdbx_gene_src_cell_line            ? 
_entity_src_gen.pdbx_gene_src_atcc                 ? 
_entity_src_gen.pdbx_gene_src_organ                ? 
_entity_src_gen.pdbx_gene_src_organelle            ? 
_entity_src_gen.pdbx_gene_src_cell                 ? 
_entity_src_gen.pdbx_gene_src_cellular_location    ? 
_entity_src_gen.host_org_common_name               ? 
_entity_src_gen.pdbx_host_org_scientific_name      'Escherichia coli' 
_entity_src_gen.pdbx_host_org_ncbi_taxonomy_id     562 
_entity_src_gen.host_org_genus                     ? 
_entity_src_gen.pdbx_host_org_gene                 ? 
_entity_src_gen.pdbx_host_org_organ                ? 
_entity_src_gen.host_org_species                   ? 
_entity_src_gen.pdbx_host_org_tissue               ? 
_entity_src_gen.pdbx_host_org_tissue_fraction      ? 
_entity_src_gen.pdbx_host_org_strain               ? 
_entity_src_gen.pdbx_host_org_variant              ? 
_entity_src_gen.pdbx_host_org_cell_line            ? 
_entity_src_gen.pdbx_host_org_atcc                 ? 
_entity_src_gen.pdbx_host_org_culture_collection   ? 
_entity_src_gen.pdbx_host_org_cell                 ? 
_entity_src_gen.pdbx_host_org_organelle            ? 
_entity_src_gen.pdbx_host_org_cellular_location    ? 
_entity_src_gen.pdbx_host_org_vector_type          ? 
_entity_src_gen.pdbx_host_org_vector               ? 
_entity_src_gen.host_org_details                   ? 
_entity_src_gen.expression_system_id               ? 
_entity_src_gen.plasmid_name                       ? 
_entity_src_gen.plasmid_details                    ? 
_entity_src_gen.pdbx_description                   ? 
# 
_struct_ref.id                         1 
_struct_ref.db_name                    UNP 
_struct_ref.db_code                    B4E074_HUMAN 
_struct_ref.pdbx_db_accession          B4E074 
_struct_ref.pdbx_db_isoform            ? 
_struct_ref.entity_id                  1 
_struct_ref.pdbx_seq_one_letter_code   
;MAAAVADEAVARDVQRLLVQFQDEGGQLLGSPFDVPVDITPDRLQLVCNALLAQEDPLPLAFFVHDAEIVSSLGKTLESQ
AVETEKVLDIIYQPQAI
;
_struct_ref.pdbx_align_begin           1 
# 
_struct_ref_seq.align_id                      1 
_struct_ref_seq.ref_id                        1 
_struct_ref_seq.pdbx_PDB_id_code              6WAJ 
_struct_ref_seq.pdbx_strand_id                A 
_struct_ref_seq.seq_align_beg                 2 
_struct_ref_seq.pdbx_seq_align_beg_ins_code   ? 
_struct_ref_seq.seq_align_end                 98 
_struct_ref_seq.pdbx_seq_align_end_ins_code   ? 
_struct_ref_seq.pdbx_db_accession             B4E074 
_struct_ref_seq.db_align_beg                  1 
_struct_ref_seq.pdbx_db_align_beg_ins_code    ? 
_struct_ref_seq.db_align_end                  97 
_struct_ref_seq.pdbx_db_align_end_ins_code    ? 
_struct_ref_seq.pdbx_auth_seq_align_beg       1 
_struct_ref_seq.pdbx_auth_seq_align_end       97 
# 
_struct_ref_seq_dif.align_id                     1 
_struct_ref_seq_dif.pdbx_pdb_id_code             6WAJ 
_struct_ref_seq_dif.mon_id                       GLY 
_struct_ref_seq_dif.pdbx_pdb_strand_id           A 
_struct_ref_seq_dif.seq_num                      1 
_struct_ref_seq_dif.pdbx_pdb_ins_code            ? 
_struct_ref_seq_dif.pdbx_seq_db_name             UNP 
_struct_ref_seq_dif.pdbx_seq_db_accession_code   B4E074 
_struct_ref_seq_dif.db_mon_id                    ? 
_struct_ref_seq_dif.pdbx_seq_db_seq_num          ? 
_struct_ref_seq_dif.details                      'expression tag' 
_struct_ref_seq_dif.pdbx_auth_seq_num            0 
_struct_ref_seq_dif.pdbx_ordinal                 1 
# 
loop_
_chem_comp.id 
_chem_comp.type 
_chem_comp.mon_nstd_flag 
_chem_comp.name 
_chem_comp.pdbx_synonyms 
_chem_comp.formula 
_chem_comp.formula_weight 
ALA 'L-peptide linking' y ALANINE               ? 'C3 H7 N O2'     89.093  
ARG 'L-peptide linking' y ARGININE              ? 'C6 H15 N4 O2 1' 175.209 
ASN 'L-peptide linking' y ASPARAGINE            ? 'C4 H8 N2 O3'    132.118 
ASP 'L-peptide linking' y 'ASPARTIC ACID'       ? 'C4 H7 N O4'     133.103 
CYS 'L-peptide linking' y CYSTEINE              ? 'C3 H7 N O2 S'   121.158 
GLN 'L-peptide linking' y GLUTAMINE             ? 'C5 H10 N2 O3'   146.144 
GLU 'L-peptide linking' y 'GLUTAMIC ACID'       ? 'C5 H9 N O4'     147.129 
GLY 'peptide linking'   y GLYCINE               ? 'C2 H5 N O2'     75.067  
HIS 'L-peptide linking' y HISTIDINE             ? 'C6 H10 N3 O2 1' 156.162 
HOH non-polymer         . WATER                 ? 'H2 O'           18.015  
ILE 'L-peptide linking' y ISOLEUCINE            ? 'C6 H13 N O2'    131.173 
LEU 'L-peptide linking' y LEUCINE               ? 'C6 H13 N O2'    131.173 
LYS 'L-peptide linking' y LYSINE                ? 'C6 H15 N2 O2 1' 147.195 
MET 'L-peptide linking' y METHIONINE            ? 'C5 H11 N O2 S'  149.211 
PHE 'L-peptide linking' y PHENYLALANINE         ? 'C9 H11 N O2'    165.189 
PRO 'L-peptide linking' y PROLINE               ? 'C5 H9 N O2'     115.130 
SER 'L-peptide linking' y SERINE                ? 'C3 H7 N O3'     105.093 
THR 'L-peptide linking' y THREONINE             ? 'C4 H9 N O3'     119.119 
TYR 'L-peptide linking' y TYROSINE              ? 'C9 H11 N O3'    181.189 
UNX non-polymer         . 'UNKNOWN ATOM OR ION' ? ?                ?       
VAL 'L-peptide linking' y VALINE                ? 'C5 H11 N O2'    117.146 
# 
_exptl.absorpt_coefficient_mu     ? 
_exptl.absorpt_correction_T_max   ? 
_exptl.absorpt_correction_T_min   ? 
_exptl.absorpt_correction_type    ? 
_exptl.absorpt_process_details    ? 
_exptl.entry_id                   6WAJ 
_exptl.crystals_number            1 
_exptl.details                    ? 
_exptl.method                     'X-RAY DIFFRACTION' 
_exptl.method_details             ? 
# 
_exptl_crystal.colour                      ? 
_exptl_crystal.density_diffrn              ? 
_exptl_crystal.density_Matthews            1.78 
_exptl_crystal.density_method              ? 
_exptl_crystal.density_percent_sol         30.73 
_exptl_crystal.description                 ? 
_exptl_crystal.F_000                       ? 
_exptl_crystal.id                          1 
_exptl_crystal.preparation                 ? 
_exptl_crystal.size_max                    ? 
_exptl_crystal.size_mid                    ? 
_exptl_crystal.size_min                    ? 
_exptl_crystal.size_rad                    ? 
_exptl_crystal.colour_lustre               ? 
_exptl_crystal.colour_modifier             ? 
_exptl_crystal.colour_primary              ? 
_exptl_crystal.density_meas                ? 
_exptl_crystal.density_meas_esd            ? 
_exptl_crystal.density_meas_gt             ? 
_exptl_crystal.density_meas_lt             ? 
_exptl_crystal.density_meas_temp           ? 
_exptl_crystal.density_meas_temp_esd       ? 
_exptl_crystal.density_meas_temp_gt        ? 
_exptl_crystal.density_meas_temp_lt        ? 
_exptl_crystal.pdbx_crystal_image_url      ? 
_exptl_crystal.pdbx_crystal_image_format   ? 
_exptl_crystal.pdbx_mosaicity              ? 
_exptl_crystal.pdbx_mosaicity_esd          ? 
# 
_exptl_crystal_grow.apparatus       ? 
_exptl_crystal_grow.atmosphere      ? 
_exptl_crystal_grow.crystal_id      1 
_exptl_crystal_grow.details         ? 
_exptl_crystal_grow.method          'VAPOR DIFFUSION, SITTING DROP' 
_exptl_crystal_grow.method_ref      ? 
_exptl_crystal_grow.pH              ? 
_exptl_crystal_grow.pressure        ? 
_exptl_crystal_grow.pressure_esd    ? 
_exptl_crystal_grow.seeding         ? 
_exptl_crystal_grow.seeding_ref     ? 
_exptl_crystal_grow.temp            291 
_exptl_crystal_grow.temp_details    ? 
_exptl_crystal_grow.temp_esd        ? 
_exptl_crystal_grow.time            ? 
_exptl_crystal_grow.pdbx_details    '2.5 M ammonium sulfate, 0.1 M Tris' 
_exptl_crystal_grow.pdbx_pH_range   ? 
# 
_diffrn.ambient_environment              ? 
_diffrn.ambient_temp                     100 
_diffrn.ambient_temp_details             ? 
_diffrn.ambient_temp_esd                 ? 
_diffrn.crystal_id                       1 
_diffrn.crystal_support                  ? 
_diffrn.crystal_treatment                ? 
_diffrn.details                          ? 
_diffrn.id                               1 
_diffrn.ambient_pressure                 ? 
_diffrn.ambient_pressure_esd             ? 
_diffrn.ambient_pressure_gt              ? 
_diffrn.ambient_pressure_lt              ? 
_diffrn.ambient_temp_gt                  ? 
_diffrn.ambient_temp_lt                  ? 
_diffrn.pdbx_serial_crystal_experiment   N 
# 
_diffrn_detector.details                      ? 
_diffrn_detector.detector                     PIXEL 
_diffrn_detector.diffrn_id                    1 
_diffrn_detector.type                         'DECTRIS EIGER X 16M' 
_diffrn_detector.area_resol_mean              ? 
_diffrn_detector.dtime                        ? 
_diffrn_detector.pdbx_frames_total            ? 
_diffrn_detector.pdbx_collection_time_total   ? 
_diffrn_detector.pdbx_collection_date         2020-03-19 
_diffrn_detector.pdbx_frequency               ? 
# 
_diffrn_radiation.collimation                      ? 
_diffrn_radiation.diffrn_id                        1 
_diffrn_radiation.filter_edge                      ? 
_diffrn_radiation.inhomogeneity                    ? 
_diffrn_radiation.monochromator                    'Cryogenically-cooled single crystal Si(220) side bounce' 
_diffrn_radiation.polarisn_norm                    ? 
_diffrn_radiation.polarisn_ratio                   ? 
_diffrn_radiation.probe                            ? 
_diffrn_radiation.type                             ? 
_diffrn_radiation.xray_symbol                      ? 
_diffrn_radiation.wavelength_id                    1 
_diffrn_radiation.pdbx_monochromatic_or_laue_m_l   M 
_diffrn_radiation.pdbx_wavelength_list             ? 
_diffrn_radiation.pdbx_wavelength                  ? 
_diffrn_radiation.pdbx_diffrn_protocol             'SINGLE WAVELENGTH' 
_diffrn_radiation.pdbx_analyzer                    ? 
_diffrn_radiation.pdbx_scattering_type             x-ray 
# 
_diffrn_radiation_wavelength.id           1 
_diffrn_radiation_wavelength.wavelength   0.97918 
_diffrn_radiation_wavelength.wt           1.0 
# 
_diffrn_source.current                     ? 
_diffrn_source.details                     ? 
_diffrn_source.diffrn_id                   1 
_diffrn_source.power                       ? 
_diffrn_source.size                        ? 
_diffrn_source.source                      SYNCHROTRON 
_diffrn_source.target                      ? 
_diffrn_source.type                        'APS BEAMLINE 24-ID-E' 
_diffrn_source.voltage                     ? 
_diffrn_source.take-off_angle              ? 
_diffrn_source.pdbx_wavelength_list        0.97918 
_diffrn_source.pdbx_wavelength             ? 
_diffrn_source.pdbx_synchrotron_beamline   24-ID-E 
_diffrn_source.pdbx_synchrotron_site       APS 
# 
_reflns.B_iso_Wilson_estimate            ? 
_reflns.entry_id                         6WAJ 
_reflns.data_reduction_details           ? 
_reflns.data_reduction_method            ? 
_reflns.d_resolution_high                1.900 
_reflns.d_resolution_low                 41.200 
_reflns.details                          ? 
_reflns.limit_h_max                      ? 
_reflns.limit_h_min                      ? 
_reflns.limit_k_max                      ? 
_reflns.limit_k_min                      ? 
_reflns.limit_l_max                      ? 
_reflns.limit_l_min                      ? 
_reflns.number_all                       ? 
_reflns.number_obs                       6917 
_reflns.observed_criterion               ? 
_reflns.observed_criterion_F_max         ? 
_reflns.observed_criterion_F_min         ? 
_reflns.observed_criterion_I_max         ? 
_reflns.observed_criterion_I_min         ? 
_reflns.observed_criterion_sigma_F       ? 
_reflns.observed_criterion_sigma_I       ? 
_reflns.percent_possible_obs             100.000 
_reflns.R_free_details                   ? 
_reflns.Rmerge_F_all                     ? 
_reflns.Rmerge_F_obs                     ? 
_reflns.Friedel_coverage                 ? 
_reflns.number_gt                        ? 
_reflns.threshold_expression             ? 
_reflns.pdbx_redundancy                  19.200 
_reflns.pdbx_Rmerge_I_obs                0.067 
_reflns.pdbx_Rmerge_I_all                ? 
_reflns.pdbx_Rsym_value                  ? 
_reflns.pdbx_netI_over_av_sigmaI         ? 
_reflns.pdbx_netI_over_sigmaI            21.700 
_reflns.pdbx_res_netI_over_av_sigmaI_2   ? 
_reflns.pdbx_res_netI_over_sigmaI_2      ? 
_reflns.pdbx_chi_squared                 ? 
_reflns.pdbx_scaling_rejects             ? 
_reflns.pdbx_d_res_high_opt              ? 
_reflns.pdbx_d_res_low_opt               ? 
_reflns.pdbx_d_res_opt_method            ? 
_reflns.phase_calculation_details        ? 
_reflns.pdbx_Rrim_I_all                  0.069 
_reflns.pdbx_Rpim_I_all                  0.016 
_reflns.pdbx_d_opt                       ? 
_reflns.pdbx_number_measured_all         132701 
_reflns.pdbx_diffrn_id                   1 
_reflns.pdbx_ordinal                     1 
_reflns.pdbx_CC_half                     0.999 
_reflns.pdbx_CC_star                     ? 
_reflns.pdbx_R_split                     ? 
# 
loop_
_reflns_shell.d_res_high 
_reflns_shell.d_res_low 
_reflns_shell.meanI_over_sigI_all 
_reflns_shell.meanI_over_sigI_obs 
_reflns_shell.number_measured_all 
_reflns_shell.number_measured_obs 
_reflns_shell.number_possible 
_reflns_shell.number_unique_all 
_reflns_shell.number_unique_obs 
_reflns_shell.percent_possible_all 
_reflns_shell.percent_possible_obs 
_reflns_shell.Rmerge_F_all 
_reflns_shell.Rmerge_F_obs 
_reflns_shell.Rmerge_I_all 
_reflns_shell.Rmerge_I_obs 
_reflns_shell.meanI_over_sigI_gt 
_reflns_shell.meanI_over_uI_all 
_reflns_shell.meanI_over_uI_gt 
_reflns_shell.number_measured_gt 
_reflns_shell.number_unique_gt 
_reflns_shell.percent_possible_gt 
_reflns_shell.Rmerge_F_gt 
_reflns_shell.Rmerge_I_gt 
_reflns_shell.pdbx_redundancy 
_reflns_shell.pdbx_Rsym_value 
_reflns_shell.pdbx_chi_squared 
_reflns_shell.pdbx_netI_over_sigmaI_all 
_reflns_shell.pdbx_netI_over_sigmaI_obs 
_reflns_shell.pdbx_Rrim_I_all 
_reflns_shell.pdbx_Rpim_I_all 
_reflns_shell.pdbx_rejects 
_reflns_shell.pdbx_ordinal 
_reflns_shell.pdbx_diffrn_id 
_reflns_shell.pdbx_CC_half 
_reflns_shell.pdbx_CC_star 
_reflns_shell.pdbx_R_split 
1.900 1.940  ? ? 8893 ? ? ? 428 100.000 ? ? ? ? 0.880 ? ? ? ? ? ? ? ? 20.800 ? ? ? 3.200  0.903 0.196 ? 1 1 0.930 ? ? 
9.110 41.200 ? ? 1251 ? ? ? 105 99.800  ? ? ? ? 0.050 ? ? ? ? ? ? ? ? 11.900 ? ? ? 41.400 0.051 0.013 ? 2 1 0.999 ? ? 
# 
_refine.aniso_B[1][1]                            ? 
_refine.aniso_B[1][2]                            ? 
_refine.aniso_B[1][3]                            ? 
_refine.aniso_B[2][2]                            ? 
_refine.aniso_B[2][3]                            ? 
_refine.aniso_B[3][3]                            ? 
_refine.B_iso_max                                70.790 
_refine.B_iso_mean                               40.9211 
_refine.B_iso_min                                26.220 
_refine.correlation_coeff_Fo_to_Fc               ? 
_refine.correlation_coeff_Fo_to_Fc_free          ? 
_refine.details                                  ? 
_refine.diff_density_max                         ? 
_refine.diff_density_max_esd                     ? 
_refine.diff_density_min                         ? 
_refine.diff_density_min_esd                     ? 
_refine.diff_density_rms                         ? 
_refine.diff_density_rms_esd                     ? 
_refine.entry_id                                 6WAJ 
_refine.pdbx_refine_id                           'X-RAY DIFFRACTION' 
_refine.ls_abs_structure_details                 ? 
_refine.ls_abs_structure_Flack                   ? 
_refine.ls_abs_structure_Flack_esd               ? 
_refine.ls_abs_structure_Rogers                  ? 
_refine.ls_abs_structure_Rogers_esd              ? 
_refine.ls_d_res_high                            1.9000 
_refine.ls_d_res_low                             34.3300 
_refine.ls_extinction_coef                       ? 
_refine.ls_extinction_coef_esd                   ? 
_refine.ls_extinction_expression                 ? 
_refine.ls_extinction_method                     ? 
_refine.ls_goodness_of_fit_all                   ? 
_refine.ls_goodness_of_fit_all_esd               ? 
_refine.ls_goodness_of_fit_obs                   ? 
_refine.ls_goodness_of_fit_obs_esd               ? 
_refine.ls_hydrogen_treatment                    ? 
_refine.ls_matrix_type                           ? 
_refine.ls_number_constraints                    ? 
_refine.ls_number_parameters                     ? 
_refine.ls_number_reflns_all                     ? 
_refine.ls_number_reflns_obs                     6831 
_refine.ls_number_reflns_R_free                  510 
_refine.ls_number_reflns_R_work                  6321 
_refine.ls_number_restraints                     ? 
_refine.ls_percent_reflns_obs                    99.9100 
_refine.ls_percent_reflns_R_free                 7.4700 
_refine.ls_R_factor_all                          ? 
_refine.ls_R_factor_obs                          0.2491 
_refine.ls_R_factor_R_free                       0.2542 
_refine.ls_R_factor_R_free_error                 ? 
_refine.ls_R_factor_R_free_error_details         ? 
_refine.ls_R_factor_R_work                       0.2485 
_refine.ls_R_Fsqd_factor_obs                     ? 
_refine.ls_R_I_factor_obs                        ? 
_refine.ls_redundancy_reflns_all                 ? 
_refine.ls_redundancy_reflns_obs                 ? 
_refine.ls_restrained_S_all                      ? 
_refine.ls_restrained_S_obs                      ? 
_refine.ls_shift_over_esd_max                    ? 
_refine.ls_shift_over_esd_mean                   ? 
_refine.ls_structure_factor_coef                 ? 
_refine.ls_weighting_details                     ? 
_refine.ls_weighting_scheme                      ? 
_refine.ls_wR_factor_all                         ? 
_refine.ls_wR_factor_obs                         ? 
_refine.ls_wR_factor_R_free                      ? 
_refine.ls_wR_factor_R_work                      ? 
_refine.occupancy_max                            ? 
_refine.occupancy_min                            ? 
_refine.solvent_model_details                    'FLAT BULK SOLVENT MODEL' 
_refine.solvent_model_param_bsol                 ? 
_refine.solvent_model_param_ksol                 ? 
_refine.pdbx_R_complete                          ? 
_refine.ls_R_factor_gt                           ? 
_refine.ls_goodness_of_fit_gt                    ? 
_refine.ls_goodness_of_fit_ref                   ? 
_refine.ls_shift_over_su_max                     ? 
_refine.ls_shift_over_su_max_lt                  ? 
_refine.ls_shift_over_su_mean                    ? 
_refine.ls_shift_over_su_mean_lt                 ? 
_refine.pdbx_ls_sigma_I                          ? 
_refine.pdbx_ls_sigma_F                          1.350 
_refine.pdbx_ls_sigma_Fsqd                       ? 
_refine.pdbx_data_cutoff_high_absF               ? 
_refine.pdbx_data_cutoff_high_rms_absF           ? 
_refine.pdbx_data_cutoff_low_absF                ? 
_refine.pdbx_isotropic_thermal_model             ? 
_refine.pdbx_ls_cross_valid_method               THROUGHOUT 
_refine.pdbx_method_to_determine_struct          'MOLECULAR REPLACEMENT' 
_refine.pdbx_starting_model                      'PDB entry 5DTC' 
_refine.pdbx_stereochemistry_target_values       ML 
_refine.pdbx_R_Free_selection_details            ? 
_refine.pdbx_stereochem_target_val_spec_case     ? 
_refine.pdbx_overall_ESU_R                       ? 
_refine.pdbx_overall_ESU_R_Free                  ? 
_refine.pdbx_solvent_vdw_probe_radii             1.1100 
_refine.pdbx_solvent_ion_probe_radii             ? 
_refine.pdbx_solvent_shrinkage_radii             0.9000 
_refine.pdbx_real_space_R                        ? 
_refine.pdbx_density_correlation                 ? 
_refine.pdbx_pd_number_of_powder_patterns        ? 
_refine.pdbx_pd_number_of_points                 ? 
_refine.pdbx_pd_meas_number_of_points            ? 
_refine.pdbx_pd_proc_ls_prof_R_factor            ? 
_refine.pdbx_pd_proc_ls_prof_wR_factor           ? 
_refine.pdbx_pd_Marquardt_correlation_coeff      ? 
_refine.pdbx_pd_Fsqrd_R_factor                   ? 
_refine.pdbx_pd_ls_matrix_band_width             ? 
_refine.pdbx_overall_phase_error                 30.0500 
_refine.pdbx_overall_SU_R_free_Cruickshank_DPI   ? 
_refine.pdbx_overall_SU_R_free_Blow_DPI          ? 
_refine.pdbx_overall_SU_R_Blow_DPI               ? 
_refine.pdbx_TLS_residual_ADP_flag               ? 
_refine.pdbx_diffrn_id                           1 
_refine.overall_SU_B                             ? 
_refine.overall_SU_ML                            0.1200 
_refine.overall_SU_R_Cruickshank_DPI             ? 
_refine.overall_SU_R_free                        ? 
_refine.overall_FOM_free_R_set                   ? 
_refine.overall_FOM_work_R_set                   ? 
_refine.pdbx_average_fsc_overall                 ? 
_refine.pdbx_average_fsc_work                    ? 
_refine.pdbx_average_fsc_free                    ? 
# 
_refine_hist.pdbx_refine_id                   'X-RAY DIFFRACTION' 
_refine_hist.cycle_id                         final 
_refine_hist.details                          ? 
_refine_hist.d_res_high                       1.9000 
_refine_hist.d_res_low                        34.3300 
_refine_hist.number_atoms_solvent             13 
_refine_hist.number_atoms_total               611 
_refine_hist.number_reflns_all                ? 
_refine_hist.number_reflns_obs                ? 
_refine_hist.number_reflns_R_free             ? 
_refine_hist.number_reflns_R_work             ? 
_refine_hist.R_factor_all                     ? 
_refine_hist.R_factor_obs                     ? 
_refine_hist.R_factor_R_free                  ? 
_refine_hist.R_factor_R_work                  ? 
_refine_hist.pdbx_number_residues_total       81 
_refine_hist.pdbx_B_iso_mean_ligand           43.56 
_refine_hist.pdbx_B_iso_mean_solvent          42.74 
_refine_hist.pdbx_number_atoms_protein        594 
_refine_hist.pdbx_number_atoms_nucleic_acid   0 
_refine_hist.pdbx_number_atoms_ligand         4 
_refine_hist.pdbx_number_atoms_lipid          ? 
_refine_hist.pdbx_number_atoms_carb           ? 
_refine_hist.pdbx_pseudo_atom_details         ? 
# 
loop_
_refine_ls_shell.pdbx_refine_id 
_refine_ls_shell.d_res_high 
_refine_ls_shell.d_res_low 
_refine_ls_shell.number_reflns_all 
_refine_ls_shell.number_reflns_obs 
_refine_ls_shell.number_reflns_R_free 
_refine_ls_shell.number_reflns_R_work 
_refine_ls_shell.percent_reflns_obs 
_refine_ls_shell.percent_reflns_R_free 
_refine_ls_shell.R_factor_all 
_refine_ls_shell.R_factor_obs 
_refine_ls_shell.R_factor_R_free 
_refine_ls_shell.R_factor_R_free_error 
_refine_ls_shell.R_factor_R_work 
_refine_ls_shell.redundancy_reflns_all 
_refine_ls_shell.redundancy_reflns_obs 
_refine_ls_shell.wR_factor_all 
_refine_ls_shell.wR_factor_obs 
_refine_ls_shell.wR_factor_R_free 
_refine_ls_shell.wR_factor_R_work 
_refine_ls_shell.pdbx_R_complete 
_refine_ls_shell.pdbx_total_number_of_bins_used 
_refine_ls_shell.pdbx_phase_error 
_refine_ls_shell.pdbx_fsc_work 
_refine_ls_shell.pdbx_fsc_free 
'X-RAY DIFFRACTION' 1.9000 2.0900  1652 . 136 1516 100.0000 . . . 0.2959 0.0000 0.2685 . . . . . . . 4 . . . 
'X-RAY DIFFRACTION' 2.0900 2.3900  1635 . 113 1522 100.0000 . . . 0.2772 0.0000 0.2514 . . . . . . . 4 . . . 
'X-RAY DIFFRACTION' 2.3900 3.0200  1690 . 129 1561 100.0000 . . . 0.3124 0.0000 0.2822 . . . . . . . 4 . . . 
'X-RAY DIFFRACTION' 3.0200 34.3300 1854 . 132 1722 100.0000 . . . 0.2274 0.0000 0.2362 . . . . . . . 4 . . . 
# 
_struct.entry_id                     6WAJ 
_struct.title                        'Crystal structure of the UBL domain of human NLE1' 
_struct.pdbx_model_details           ? 
_struct.pdbx_formula_weight          ? 
_struct.pdbx_formula_weight_method   ? 
_struct.pdbx_model_type_details      ? 
_struct.pdbx_CASP_flag               N 
# 
_struct_keywords.entry_id        6WAJ 
_struct_keywords.text            
'Crystal structure of the human NLE1-UBD domain, Structural Genomics, Structural Genomics Consortium, SGC, PROTEIN BINDING' 
_struct_keywords.pdbx_keywords   'PROTEIN BINDING' 
# 
loop_
_struct_asym.id 
_struct_asym.pdbx_blank_PDB_chainid_flag 
_struct_asym.pdbx_modified 
_struct_asym.entity_id 
_struct_asym.details 
A N N 1 ? 
B N N 2 ? 
C N N 2 ? 
D N N 2 ? 
E N N 2 ? 
F N N 3 ? 
# 
loop_
_struct_conf.conf_type_id 
_struct_conf.id 
_struct_conf.pdbx_PDB_helix_id 
_struct_conf.beg_label_comp_id 
_struct_conf.beg_label_asym_id 
_struct_conf.beg_label_seq_id 
_struct_conf.pdbx_beg_PDB_ins_code 
_struct_conf.end_label_comp_id 
_struct_conf.end_label_asym_id 
_struct_conf.end_label_seq_id 
_struct_conf.pdbx_end_PDB_ins_code 
_struct_conf.beg_auth_comp_id 
_struct_conf.beg_auth_asym_id 
_struct_conf.beg_auth_seq_id 
_struct_conf.end_auth_comp_id 
_struct_conf.end_auth_asym_id 
_struct_conf.end_auth_seq_id 
_struct_conf.pdbx_PDB_helix_class 
_struct_conf.details 
_struct_conf.pdbx_PDB_helix_length 
HELX_P HELX_P1 AA1 THR A 41 ? ALA A 54 ? THR A 40 ALA A 53 1 ? 14 
HELX_P HELX_P2 AA2 SER A 73 ? SER A 80 ? SER A 72 SER A 79 1 ? 8  
# 
_struct_conf_type.id          HELX_P 
_struct_conf_type.criteria    ? 
_struct_conf_type.reference   ? 
# 
_struct_sheet.id               AA1 
_struct_sheet.type             ? 
_struct_sheet.number_strands   5 
_struct_sheet.details          ? 
# 
loop_
_struct_sheet_order.sheet_id 
_struct_sheet_order.range_id_1 
_struct_sheet_order.range_id_2 
_struct_sheet_order.offset 
_struct_sheet_order.sense 
AA1 1 2 ? anti-parallel 
AA1 2 3 ? parallel      
AA1 3 4 ? anti-parallel 
AA1 4 5 ? anti-parallel 
# 
loop_
_struct_sheet_range.sheet_id 
_struct_sheet_range.id 
_struct_sheet_range.beg_label_comp_id 
_struct_sheet_range.beg_label_asym_id 
_struct_sheet_range.beg_label_seq_id 
_struct_sheet_range.pdbx_beg_PDB_ins_code 
_struct_sheet_range.end_label_comp_id 
_struct_sheet_range.end_label_asym_id 
_struct_sheet_range.end_label_seq_id 
_struct_sheet_range.pdbx_end_PDB_ins_code 
_struct_sheet_range.beg_auth_comp_id 
_struct_sheet_range.beg_auth_asym_id 
_struct_sheet_range.beg_auth_seq_id 
_struct_sheet_range.end_auth_comp_id 
_struct_sheet_range.end_auth_asym_id 
_struct_sheet_range.end_auth_seq_id 
AA1 1 LEU A 29 ? PRO A 37 ? LEU A 28 PRO A 36 
AA1 2 ARG A 17 ? GLN A 23 ? ARG A 16 GLN A 22 
AA1 3 LEU A 89 ? PRO A 95 ? LEU A 88 PRO A 94 
AA1 4 LEU A 61 ? VAL A 65 ? LEU A 60 VAL A 64 
AA1 5 ALA A 68 ? GLU A 69 ? ALA A 67 GLU A 68 
# 
loop_
_pdbx_struct_sheet_hbond.sheet_id 
_pdbx_struct_sheet_hbond.range_id_1 
_pdbx_struct_sheet_hbond.range_id_2 
_pdbx_struct_sheet_hbond.range_1_label_atom_id 
_pdbx_struct_sheet_hbond.range_1_label_comp_id 
_pdbx_struct_sheet_hbond.range_1_label_asym_id 
_pdbx_struct_sheet_hbond.range_1_label_seq_id 
_pdbx_struct_sheet_hbond.range_1_PDB_ins_code 
_pdbx_struct_sheet_hbond.range_1_auth_atom_id 
_pdbx_struct_sheet_hbond.range_1_auth_comp_id 
_pdbx_struct_sheet_hbond.range_1_auth_asym_id 
_pdbx_struct_sheet_hbond.range_1_auth_seq_id 
_pdbx_struct_sheet_hbond.range_2_label_atom_id 
_pdbx_struct_sheet_hbond.range_2_label_comp_id 
_pdbx_struct_sheet_hbond.range_2_label_asym_id 
_pdbx_struct_sheet_hbond.range_2_label_seq_id 
_pdbx_struct_sheet_hbond.range_2_PDB_ins_code 
_pdbx_struct_sheet_hbond.range_2_auth_atom_id 
_pdbx_struct_sheet_hbond.range_2_auth_comp_id 
_pdbx_struct_sheet_hbond.range_2_auth_asym_id 
_pdbx_struct_sheet_hbond.range_2_auth_seq_id 
AA1 1 2 O PHE A 34 ? O PHE A 33 N VAL A 20 ? N VAL A 19 
AA1 2 3 N GLN A 21 ? N GLN A 20 O ILE A 91 ? O ILE A 90 
AA1 3 4 O GLN A 94 ? O GLN A 93 N ALA A 62 ? N ALA A 61 
AA1 4 5 N VAL A 65 ? N VAL A 64 O ALA A 68 ? O ALA A 67 
# 
_atom_sites.entry_id                    6WAJ 
_atom_sites.Cartn_transf_matrix[1][1]   ? 
_atom_sites.Cartn_transf_matrix[1][2]   ? 
_atom_sites.Cartn_transf_matrix[1][3]   ? 
_atom_sites.Cartn_transf_matrix[2][1]   ? 
_atom_sites.Cartn_transf_matrix[2][2]   ? 
_atom_sites.Cartn_transf_matrix[2][3]   ? 
_atom_sites.Cartn_transf_matrix[3][1]   ? 
_atom_sites.Cartn_transf_matrix[3][2]   ? 
_atom_sites.Cartn_transf_matrix[3][3]   ? 
_atom_sites.Cartn_transf_vector[1]      ? 
_atom_sites.Cartn_transf_vector[2]      ? 
_atom_sites.Cartn_transf_vector[3]      ? 
_atom_sites.fract_transf_matrix[1][1]   -0.00897628 
_atom_sites.fract_transf_matrix[1][2]   0.00071369 
_atom_sites.fract_transf_matrix[1][3]   0.03121194 
_atom_sites.fract_transf_matrix[2][1]   0.02238298 
_atom_sites.fract_transf_matrix[2][2]   0.00365207 
_atom_sites.fract_transf_matrix[2][3]   0.02325811 
_atom_sites.fract_transf_matrix[3][1]   -0.00051737 
_atom_sites.fract_transf_matrix[3][2]   0.00482040 
_atom_sites.fract_transf_matrix[3][3]   -0.00025901 
_atom_sites.fract_transf_vector[1]      0.392561 
_atom_sites.fract_transf_vector[2]      0.537554 
_atom_sites.fract_transf_vector[3]      0.538563 
_atom_sites.solution_primary            ? 
_atom_sites.solution_secondary          ? 
_atom_sites.solution_hydrogens          ? 
_atom_sites.special_details             ? 
# 
loop_
_atom_type.symbol 
C 
N 
O 
S 
X 
# 
loop_
_atom_site.group_PDB 
_atom_site.id 
_atom_site.type_symbol 
_atom_site.label_atom_id 
_atom_site.label_alt_id 
_atom_site.label_comp_id 
_atom_site.label_asym_id 
_atom_site.label_entity_id 
_atom_site.label_seq_id 
_atom_site.pdbx_PDB_ins_code 
_atom_site.Cartn_x 
_atom_site.Cartn_y 
_atom_site.Cartn_z 
_atom_site.occupancy 
_atom_site.B_iso_or_equiv 
_atom_site.pdbx_formal_charge 
_atom_site.auth_seq_id 
_atom_site.auth_comp_id 
_atom_site.auth_asym_id 
_atom_site.auth_atom_id 
_atom_site.pdbx_PDB_model_num 
ATOM   1   N N   . GLN A 1 16 ? -8.362  6.550   -11.711 1.00 53.31 ? 15  GLN A N   1 
ATOM   2   C CA  . GLN A 1 16 ? -7.226  7.459   -11.798 1.00 51.89 ? 15  GLN A CA  1 
ATOM   3   C C   . GLN A 1 16 ? -6.624  7.692   -10.415 1.00 50.45 ? 15  GLN A C   1 
ATOM   4   O O   . GLN A 1 16 ? -5.459  7.375   -10.174 1.00 53.80 ? 15  GLN A O   1 
ATOM   5   C CB  . GLN A 1 16 ? -7.648  8.787   -12.430 1.00 55.03 ? 15  GLN A CB  1 
ATOM   6   C CG  . GLN A 1 16 ? -6.611  9.888   -12.308 1.00 51.96 ? 15  GLN A CG  1 
ATOM   7   C CD  . GLN A 1 16 ? -5.647  9.902   -13.475 1.00 55.76 ? 15  GLN A CD  1 
ATOM   8   O OE1 . GLN A 1 16 ? -5.657  10.820  -14.297 1.00 57.17 ? 15  GLN A OE1 1 
ATOM   9   N NE2 . GLN A 1 16 ? -4.803  8.879   -13.553 1.00 57.96 ? 15  GLN A NE2 1 
ATOM   10  N N   . ARG A 1 17 ? -7.424  8.249   -9.510  1.00 48.68 ? 16  ARG A N   1 
ATOM   11  C CA  . ARG A 1 17 ? -7.046  8.427   -8.117  1.00 47.01 ? 16  ARG A CA  1 
ATOM   12  C C   . ARG A 1 17 ? -7.897  7.516   -7.246  1.00 48.71 ? 16  ARG A C   1 
ATOM   13  O O   . ARG A 1 17 ? -9.107  7.394   -7.460  1.00 51.00 ? 16  ARG A O   1 
ATOM   14  C CB  . ARG A 1 17 ? -7.230  9.878   -7.663  1.00 47.61 ? 16  ARG A CB  1 
ATOM   15  C CG  . ARG A 1 17 ? -6.416  10.901  -8.427  1.00 53.01 ? 16  ARG A CG  1 
ATOM   16  C CD  . ARG A 1 17 ? -5.623  11.772  -7.467  1.00 51.15 ? 16  ARG A CD  1 
ATOM   17  N NE  . ARG A 1 17 ? -4.271  12.026  -7.956  1.00 52.85 ? 16  ARG A NE  1 
ATOM   18  C CZ  . ARG A 1 17 ? -3.197  12.120  -7.180  1.00 48.04 ? 16  ARG A CZ  1 
ATOM   19  N NH1 . ARG A 1 17 ? -3.307  11.976  -5.866  1.00 48.52 ? 16  ARG A NH1 1 
ATOM   20  N NH2 . ARG A 1 17 ? -2.009  12.357  -7.721  1.00 52.43 ? 16  ARG A NH2 1 
ATOM   21  N N   . LEU A 1 18 ? -7.268  6.882   -6.260  1.00 42.78 ? 17  LEU A N   1 
ATOM   22  C CA  . LEU A 1 18 ? -7.958  5.957   -5.375  1.00 43.52 ? 17  LEU A CA  1 
ATOM   23  C C   . LEU A 1 18 ? -7.646  6.280   -3.922  1.00 39.48 ? 17  LEU A C   1 
ATOM   24  O O   . LEU A 1 18 ? -6.533  6.690   -3.579  1.00 39.03 ? 17  LEU A O   1 
ATOM   25  C CB  . LEU A 1 18 ? -7.580  4.500   -5.679  1.00 43.29 ? 17  LEU A CB  1 
ATOM   26  C CG  . LEU A 1 18 ? -7.742  4.034   -7.125  1.00 46.61 ? 17  LEU A CG  1 
ATOM   27  C CD1 . LEU A 1 18 ? -7.328  2.594   -7.238  1.00 48.11 ? 17  LEU A CD1 1 
ATOM   28  C CD2 . LEU A 1 18 ? -9.181  4.201   -7.582  1.00 49.90 ? 17  LEU A CD2 1 
ATOM   29  N N   . LEU A 1 19 ? -8.652  6.093   -3.073  1.00 36.86 ? 18  LEU A N   1 
ATOM   30  C CA  . LEU A 1 19 ? -8.514  6.258   -1.632  1.00 37.46 ? 18  LEU A CA  1 
ATOM   31  C C   . LEU A 1 19 ? -7.964  4.960   -1.050  1.00 38.06 ? 18  LEU A C   1 
ATOM   32  O O   . LEU A 1 19 ? -8.593  3.905   -1.182  1.00 39.94 ? 18  LEU A O   1 
ATOM   33  C CB  . LEU A 1 19 ? -9.865  6.612   -1.010  1.00 40.55 ? 18  LEU A CB  1 
ATOM   34  C CG  . LEU A 1 19 ? -9.929  7.359   0.323   1.00 44.90 ? 18  LEU A CG  1 
ATOM   35  C CD1 . LEU A 1 19 ? -9.143  8.654   0.241   1.00 40.54 ? 18  LEU A CD1 1 
ATOM   36  C CD2 . LEU A 1 19 ? -11.385 7.630   0.704   1.00 44.63 ? 18  LEU A CD2 1 
ATOM   37  N N   . VAL A 1 20 ? -6.787  5.030   -0.425  1.00 35.68 ? 19  VAL A N   1 
ATOM   38  C CA  . VAL A 1 20 ? -6.107  3.843   0.077   1.00 36.28 ? 19  VAL A CA  1 
ATOM   39  C C   . VAL A 1 20 ? -5.808  4.015   1.560   1.00 37.22 ? 19  VAL A C   1 
ATOM   40  O O   . VAL A 1 20 ? -5.738  5.129   2.083   1.00 37.99 ? 19  VAL A O   1 
ATOM   41  C CB  . VAL A 1 20 ? -4.805  3.541   -0.697  1.00 33.15 ? 19  VAL A CB  1 
ATOM   42  C CG1 . VAL A 1 20 ? -5.110  3.186   -2.147  1.00 33.19 ? 19  VAL A CG1 1 
ATOM   43  C CG2 . VAL A 1 20 ? -3.858  4.725   -0.610  1.00 33.84 ? 19  VAL A CG2 1 
ATOM   44  N N   . GLN A 1 21 ? -5.613  2.882   2.231   1.00 36.31 ? 20  GLN A N   1 
ATOM   45  C CA  . GLN A 1 21 ? -5.355  2.842   3.665   1.00 34.86 ? 20  GLN A CA  1 
ATOM   46  C C   . GLN A 1 21 ? -4.333  1.756   3.961   1.00 35.42 ? 20  GLN A C   1 
ATOM   47  O O   . GLN A 1 21 ? -4.517  0.602   3.560   1.00 31.68 ? 20  GLN A O   1 
ATOM   48  C CB  . GLN A 1 21 ? -6.650  2.578   4.444   1.00 38.41 ? 20  GLN A CB  1 
ATOM   49  C CG  . GLN A 1 21 ? -6.452  1.957   5.817   1.00 35.95 ? 20  GLN A CG  1 
ATOM   50  C CD  . GLN A 1 21 ? -6.301  2.995   6.907   1.00 38.42 ? 20  GLN A CD  1 
ATOM   51  O OE1 . GLN A 1 21 ? -7.258  3.689   7.253   1.00 41.49 ? 20  GLN A OE1 1 
ATOM   52  N NE2 . GLN A 1 21 ? -5.095  3.113   7.452   1.00 38.75 ? 20  GLN A NE2 1 
ATOM   53  N N   . PHE A 1 22 ? -3.263  2.121   4.664   1.00 35.25 ? 21  PHE A N   1 
ATOM   54  C CA  . PHE A 1 22 ? -2.239  1.152   5.029   1.00 30.43 ? 21  PHE A CA  1 
ATOM   55  C C   . PHE A 1 22 ? -2.705  0.280   6.190   1.00 33.50 ? 21  PHE A C   1 
ATOM   56  O O   . PHE A 1 22 ? -3.422  0.731   7.088   1.00 32.89 ? 21  PHE A O   1 
ATOM   57  C CB  . PHE A 1 22 ? -0.932  1.855   5.404   1.00 30.29 ? 21  PHE A CB  1 
ATOM   58  C CG  . PHE A 1 22 ? -0.115  2.296   4.220   1.00 34.34 ? 21  PHE A CG  1 
ATOM   59  C CD1 . PHE A 1 22 ? 0.215   1.400   3.215   1.00 31.19 ? 21  PHE A CD1 1 
ATOM   60  C CD2 . PHE A 1 22 ? 0.332   3.603   4.116   1.00 32.07 ? 21  PHE A CD2 1 
ATOM   61  C CE1 . PHE A 1 22 ? 0.971   1.798   2.130   1.00 29.79 ? 21  PHE A CE1 1 
ATOM   62  C CE2 . PHE A 1 22 ? 1.089   4.008   3.033   1.00 34.65 ? 21  PHE A CE2 1 
ATOM   63  C CZ  . PHE A 1 22 ? 1.407   3.105   2.037   1.00 31.50 ? 21  PHE A CZ  1 
ATOM   64  N N   . GLN A 1 23 ? -2.272  -0.979  6.165   1.00 29.46 ? 22  GLN A N   1 
ATOM   65  C CA  . GLN A 1 23 ? -2.696  -1.990  7.126   1.00 33.42 ? 22  GLN A CA  1 
ATOM   66  C C   . GLN A 1 23 ? -1.544  -2.960  7.334   1.00 33.09 ? 22  GLN A C   1 
ATOM   67  O O   . GLN A 1 23 ? -0.946  -3.418  6.357   1.00 32.26 ? 22  GLN A O   1 
ATOM   68  C CB  . GLN A 1 23 ? -3.941  -2.723  6.610   1.00 35.96 ? 22  GLN A CB  1 
ATOM   69  C CG  . GLN A 1 23 ? -4.544  -3.743  7.550   1.00 35.91 ? 22  GLN A CG  1 
ATOM   70  C CD  . GLN A 1 23 ? -5.817  -4.352  6.987   1.00 39.94 ? 22  GLN A CD  1 
ATOM   71  O OE1 . GLN A 1 23 ? -5.894  -4.668  5.798   1.00 40.36 ? 22  GLN A OE1 1 
ATOM   72  N NE2 . GLN A 1 23 ? -6.822  -4.520  7.840   1.00 39.37 ? 22  GLN A NE2 1 
ATOM   73  N N   . ASP A 1 24 ? -1.219  -3.269  8.587   1.00 31.50 ? 23  ASP A N   1 
ATOM   74  C CA  . ASP A 1 24 ? -0.089  -4.156  8.824   1.00 31.80 ? 23  ASP A CA  1 
ATOM   75  C C   . ASP A 1 24 ? -0.517  -5.620  8.697   1.00 35.53 ? 23  ASP A C   1 
ATOM   76  O O   . ASP A 1 24 ? -1.689  -5.937  8.479   1.00 32.15 ? 23  ASP A O   1 
ATOM   77  C CB  . ASP A 1 24 ? 0.561   -3.855  10.177  1.00 37.49 ? 23  ASP A CB  1 
ATOM   78  C CG  . ASP A 1 24 ? -0.210  -4.426  11.368  1.00 44.49 ? 23  ASP A CG  1 
ATOM   79  O OD1 . ASP A 1 24 ? -1.363  -4.889  11.221  1.00 41.09 ? 23  ASP A OD1 1 
ATOM   80  O OD2 . ASP A 1 24 ? 0.365   -4.403  12.478  1.00 47.25 ? 23  ASP A OD2 1 
ATOM   81  N N   . GLU A 1 25 ? 0.458   -6.525  8.826   1.00 33.82 ? 24  GLU A N   1 
ATOM   82  C CA  . GLU A 1 25 ? 0.192   -7.953  8.682   1.00 34.70 ? 24  GLU A CA  1 
ATOM   83  C C   . GLU A 1 25 ? -0.740  -8.481  9.760   1.00 36.72 ? 24  GLU A C   1 
ATOM   84  O O   . GLU A 1 25 ? -1.388  -9.513  9.550   1.00 39.43 ? 24  GLU A O   1 
ATOM   85  C CB  . GLU A 1 25 ? 1.496   -8.743  8.726   1.00 38.51 ? 24  GLU A CB  1 
ATOM   86  C CG  . GLU A 1 25 ? 2.316   -8.689  7.460   1.00 44.36 ? 24  GLU A CG  1 
ATOM   87  C CD  . GLU A 1 25 ? 3.680   -9.325  7.646   1.00 49.54 ? 24  GLU A CD  1 
ATOM   88  O OE1 . GLU A 1 25 ? 3.820   -10.533 7.355   1.00 53.19 ? 24  GLU A OE1 1 
ATOM   89  O OE2 . GLU A 1 25 ? 4.605   -8.620  8.103   1.00 51.20 ? 24  GLU A OE2 1 
ATOM   90  N N   . GLY A 1 26 ? -0.802  -7.820  10.909  1.00 34.65 ? 25  GLY A N   1 
ATOM   91  C CA  . GLY A 1 26 ? -1.736  -8.176  11.951  1.00 35.40 ? 25  GLY A CA  1 
ATOM   92  C C   . GLY A 1 26 ? -3.111  -7.578  11.777  1.00 37.76 ? 25  GLY A C   1 
ATOM   93  O O   . GLY A 1 26 ? -3.956  -7.721  12.666  1.00 35.70 ? 25  GLY A O   1 
ATOM   94  N N   . GLY A 1 27 ? -3.364  -6.910  10.655  1.00 35.41 ? 26  GLY A N   1 
ATOM   95  C CA  . GLY A 1 27 ? -4.647  -6.300  10.395  1.00 35.32 ? 26  GLY A CA  1 
ATOM   96  C C   . GLY A 1 27 ? -4.853  -4.937  11.015  1.00 35.24 ? 26  GLY A C   1 
ATOM   97  O O   . GLY A 1 27 ? -5.945  -4.372  10.869  1.00 41.71 ? 26  GLY A O   1 
ATOM   98  N N   . GLN A 1 28 ? -3.852  -4.388  11.697  1.00 36.52 ? 27  GLN A N   1 
ATOM   99  C CA  . GLN A 1 28 ? -3.984  -3.082  12.323  1.00 38.48 ? 27  GLN A CA  1 
ATOM   100 C C   . GLN A 1 28 ? -3.807  -1.974  11.291  1.00 39.11 ? 27  GLN A C   1 
ATOM   101 O O   . GLN A 1 28 ? -2.899  -2.020  10.456  1.00 34.45 ? 27  GLN A O   1 
ATOM   102 C CB  . GLN A 1 28 ? -2.956  -2.925  13.445  1.00 42.18 ? 27  GLN A CB  1 
ATOM   103 C CG  . GLN A 1 28 ? -2.906  -4.103  14.408  1.00 48.33 ? 27  GLN A CG  1 
ATOM   104 C CD  . GLN A 1 28 ? -3.258  -3.713  15.831  1.00 55.50 ? 27  GLN A CD  1 
ATOM   105 O OE1 . GLN A 1 28 ? -4.315  -3.135  16.085  1.00 60.20 ? 27  GLN A OE1 1 
ATOM   106 N NE2 . GLN A 1 28 ? -2.370  -4.030  16.770  1.00 55.13 ? 27  GLN A NE2 1 
ATOM   107 N N   . LEU A 1 29 ? -4.683  -0.974  11.354  1.00 39.76 ? 28  LEU A N   1 
ATOM   108 C CA  . LEU A 1 29 ? -4.646  0.129   10.406  1.00 39.23 ? 28  LEU A CA  1 
ATOM   109 C C   . LEU A 1 29 ? -3.560  1.127   10.785  1.00 40.64 ? 28  LEU A C   1 
ATOM   110 O O   . LEU A 1 29 ? -3.336  1.408   11.967  1.00 39.70 ? 28  LEU A O   1 
ATOM   111 C CB  . LEU A 1 29 ? -6.006  0.827   10.346  1.00 41.48 ? 28  LEU A CB  1 
ATOM   112 C CG  . LEU A 1 29 ? -7.198  -0.020  9.896   1.00 40.02 ? 28  LEU A CG  1 
ATOM   113 C CD1 . LEU A 1 29 ? -8.344  0.874   9.458   1.00 43.44 ? 28  LEU A CD1 1 
ATOM   114 C CD2 . LEU A 1 29 ? -6.801  -0.961  8.772   1.00 39.72 ? 28  LEU A CD2 1 
ATOM   115 N N   . LEU A 1 30 ? -2.884  1.666   9.770   1.00 38.29 ? 29  LEU A N   1 
ATOM   116 C CA  . LEU A 1 30 ? -1.811  2.638   9.952   1.00 38.93 ? 29  LEU A CA  1 
ATOM   117 C C   . LEU A 1 30 ? -2.243  3.963   9.339   1.00 38.89 ? 29  LEU A C   1 
ATOM   118 O O   . LEU A 1 30 ? -2.483  4.043   8.129   1.00 36.58 ? 29  LEU A O   1 
ATOM   119 C CB  . LEU A 1 30 ? -0.510  2.150   9.320   1.00 38.82 ? 29  LEU A CB  1 
ATOM   120 C CG  . LEU A 1 30 ? 0.589   3.214   9.323   1.00 35.27 ? 29  LEU A CG  1 
ATOM   121 C CD1 . LEU A 1 30 ? 1.130   3.420   10.736  1.00 36.27 ? 29  LEU A CD1 1 
ATOM   122 C CD2 . LEU A 1 30 ? 1.706   2.849   8.354   1.00 36.92 ? 29  LEU A CD2 1 
ATOM   123 N N   . GLY A 1 31 ? -2.327  4.999   10.169  1.00 37.57 ? 30  GLY A N   1 
ATOM   124 C CA  . GLY A 1 31 ? -2.738  6.291   9.673   1.00 37.72 ? 30  GLY A CA  1 
ATOM   125 C C   . GLY A 1 31 ? -4.188  6.269   9.214   1.00 39.31 ? 30  GLY A C   1 
ATOM   126 O O   . GLY A 1 31 ? -4.993  5.427   9.618   1.00 39.35 ? 30  GLY A O   1 
ATOM   127 N N   . SER A 1 32 ? -4.510  7.218   8.342   1.00 36.84 ? 31  SER A N   1 
ATOM   128 C CA  . SER A 1 32 ? -5.867  7.387   7.841   1.00 37.50 ? 31  SER A CA  1 
ATOM   129 C C   . SER A 1 32 ? -5.876  7.252   6.321   1.00 37.86 ? 31  SER A C   1 
ATOM   130 O O   . SER A 1 32 ? -4.810  7.300   5.695   1.00 37.52 ? 31  SER A O   1 
ATOM   131 C CB  . SER A 1 32 ? -6.420  8.744   8.288   1.00 44.54 ? 31  SER A CB  1 
ATOM   132 O OG  . SER A 1 32 ? -6.320  8.886   9.696   1.00 43.76 ? 31  SER A OG  1 
ATOM   133 N N   . PRO A 1 33 ? -7.041  7.071   5.693   1.00 35.17 ? 32  PRO A N   1 
ATOM   134 C CA  . PRO A 1 33 ? -7.069  6.964   4.229   1.00 38.56 ? 32  PRO A CA  1 
ATOM   135 C C   . PRO A 1 33 ? -6.556  8.226   3.554   1.00 39.75 ? 32  PRO A C   1 
ATOM   136 O O   . PRO A 1 33 ? -6.736  9.343   4.046   1.00 38.64 ? 32  PRO A O   1 
ATOM   137 C CB  . PRO A 1 33 ? -8.553  6.729   3.919   1.00 40.16 ? 32  PRO A CB  1 
ATOM   138 C CG  . PRO A 1 33 ? -9.105  6.136   5.169   1.00 43.48 ? 32  PRO A CG  1 
ATOM   139 C CD  . PRO A 1 33 ? -8.368  6.823   6.281   1.00 38.57 ? 32  PRO A CD  1 
ATOM   140 N N   . PHE A 1 34 ? -5.898  8.032   2.414   1.00 35.20 ? 33  PHE A N   1 
ATOM   141 C CA  . PHE A 1 34 ? -5.376  9.140   1.628   1.00 37.95 ? 33  PHE A CA  1 
ATOM   142 C C   . PHE A 1 34 ? -5.424  8.757   0.156   1.00 40.90 ? 33  PHE A C   1 
ATOM   143 O O   . PHE A 1 34 ? -5.516  7.578   -0.198  1.00 34.64 ? 33  PHE A O   1 
ATOM   144 C CB  . PHE A 1 34 ? -3.950  9.531   2.054   1.00 38.31 ? 33  PHE A CB  1 
ATOM   145 C CG  . PHE A 1 34 ? -2.940  8.417   1.930   1.00 36.27 ? 33  PHE A CG  1 
ATOM   146 C CD1 . PHE A 1 34 ? -2.911  7.382   2.852   1.00 36.26 ? 33  PHE A CD1 1 
ATOM   147 C CD2 . PHE A 1 34 ? -2.012  8.416   0.904   1.00 34.13 ? 33  PHE A CD2 1 
ATOM   148 C CE1 . PHE A 1 34 ? -1.985  6.361   2.741   1.00 36.08 ? 33  PHE A CE1 1 
ATOM   149 C CE2 . PHE A 1 34 ? -1.081  7.397   0.789   1.00 34.87 ? 33  PHE A CE2 1 
ATOM   150 C CZ  . PHE A 1 34 ? -1.066  6.371   1.710   1.00 36.18 ? 33  PHE A CZ  1 
ATOM   151 N N   . ASP A 1 35 ? -5.376  9.776   -0.698  1.00 36.03 ? 34  ASP A N   1 
ATOM   152 C CA  . ASP A 1 35 ? -5.510  9.595   -2.136  1.00 36.27 ? 34  ASP A CA  1 
ATOM   153 C C   . ASP A 1 35 ? -4.148  9.331   -2.764  1.00 37.73 ? 34  ASP A C   1 
ATOM   154 O O   . ASP A 1 35 ? -3.169  10.016  -2.450  1.00 33.08 ? 34  ASP A O   1 
ATOM   155 C CB  . ASP A 1 35 ? -6.150  10.829  -2.776  1.00 44.62 ? 34  ASP A CB  1 
ATOM   156 C CG  . ASP A 1 35 ? -7.630  10.648  -3.041  1.00 49.23 ? 34  ASP A CG  1 
ATOM   157 N N   . VAL A 1 36 ? -4.091  8.336   -3.643  1.00 37.76 ? 35  VAL A N   1 
ATOM   158 C CA  . VAL A 1 36 ? -2.896  8.075   -4.442  1.00 38.25 ? 35  VAL A CA  1 
ATOM   159 C C   . VAL A 1 36 ? -3.298  7.995   -5.907  1.00 37.34 ? 35  VAL A C   1 
ATOM   160 O O   . VAL A 1 36 ? -4.444  7.636   -6.220  1.00 42.51 ? 35  VAL A O   1 
ATOM   161 C CB  . VAL A 1 36 ? -2.181  6.786   -4.004  1.00 34.04 ? 35  VAL A CB  1 
ATOM   162 C CG1 . VAL A 1 36 ? -1.690  6.908   -2.575  1.00 36.82 ? 35  VAL A CG1 1 
ATOM   163 C CG2 . VAL A 1 36 ? -3.091  5.567   -4.187  1.00 34.98 ? 35  VAL A CG2 1 
ATOM   164 N N   . PRO A 1 37 ? -2.406  8.326   -6.835  1.00 37.30 ? 36  PRO A N   1 
ATOM   165 C CA  . PRO A 1 37 ? -2.653  7.985   -8.235  1.00 41.57 ? 36  PRO A CA  1 
ATOM   166 C C   . PRO A 1 37 ? -2.535  6.482   -8.423  1.00 42.87 ? 36  PRO A C   1 
ATOM   167 O O   . PRO A 1 37 ? -1.735  5.817   -7.759  1.00 36.52 ? 36  PRO A O   1 
ATOM   168 C CB  . PRO A 1 37 ? -1.555  8.744   -8.986  1.00 43.19 ? 36  PRO A CB  1 
ATOM   169 C CG  . PRO A 1 37 ? -0.443  8.849   -7.990  1.00 41.32 ? 36  PRO A CG  1 
ATOM   170 C CD  . PRO A 1 37 ? -1.111  9.008   -6.649  1.00 38.43 ? 36  PRO A CD  1 
ATOM   171 N N   . VAL A 1 38 ? -3.354  5.946   -9.328  1.00 40.37 ? 37  VAL A N   1 
ATOM   172 C CA  . VAL A 1 38 ? -3.398  4.503   -9.519  1.00 39.66 ? 37  VAL A CA  1 
ATOM   173 C C   . VAL A 1 38 ? -2.060  3.959   -10.005 1.00 40.14 ? 37  VAL A C   1 
ATOM   174 O O   . VAL A 1 38 ? -1.770  2.774   -9.818  1.00 42.30 ? 37  VAL A O   1 
ATOM   175 C CB  . VAL A 1 38 ? -4.552  4.145   -10.482 1.00 41.74 ? 37  VAL A CB  1 
ATOM   176 C CG1 . VAL A 1 38 ? -4.248  4.624   -11.893 1.00 44.56 ? 37  VAL A CG1 1 
ATOM   177 C CG2 . VAL A 1 38 ? -4.841  2.656   -10.458 1.00 44.00 ? 37  VAL A CG2 1 
ATOM   178 N N   . ASP A 1 39 ? -1.214  4.806   -10.593 1.00 40.39 ? 38  ASP A N   1 
ATOM   179 C CA  . ASP A 1 39 ? 0.065   4.370   -11.133 1.00 40.82 ? 38  ASP A CA  1 
ATOM   180 C C   . ASP A 1 39 ? 1.193   4.403   -10.103 1.00 40.12 ? 38  ASP A C   1 
ATOM   181 O O   . ASP A 1 39 ? 2.365   4.311   -10.485 1.00 38.90 ? 38  ASP A O   1 
ATOM   182 C CB  . ASP A 1 39 ? 0.446   5.220   -12.349 1.00 43.56 ? 38  ASP A CB  1 
ATOM   183 C CG  . ASP A 1 39 ? 0.462   6.710   -12.047 1.00 50.37 ? 38  ASP A CG  1 
ATOM   184 O OD1 . ASP A 1 39 ? 0.629   7.500   -12.998 1.00 61.41 ? 38  ASP A OD1 1 
ATOM   185 O OD2 . ASP A 1 39 ? 0.308   7.093   -10.867 1.00 52.23 ? 38  ASP A OD2 1 
ATOM   186 N N   . ILE A 1 40 ? 0.870   4.522   -8.814  1.00 35.64 ? 39  ILE A N   1 
ATOM   187 C CA  . ILE A 1 40 ? 1.907   4.633   -7.795  1.00 36.80 ? 39  ILE A CA  1 
ATOM   188 C C   . ILE A 1 40 ? 2.656   3.310   -7.669  1.00 32.41 ? 39  ILE A C   1 
ATOM   189 O O   . ILE A 1 40 ? 2.065   2.223   -7.743  1.00 32.66 ? 39  ILE A O   1 
ATOM   190 C CB  . ILE A 1 40 ? 1.298   5.077   -6.452  1.00 33.27 ? 39  ILE A CB  1 
ATOM   191 C CG1 . ILE A 1 40 ? 2.401   5.432   -5.450  1.00 30.43 ? 39  ILE A CG1 1 
ATOM   192 C CG2 . ILE A 1 40 ? 0.362   4.010   -5.892  1.00 33.37 ? 39  ILE A CG2 1 
ATOM   193 C CD1 . ILE A 1 40 ? 1.886   6.054   -4.170  1.00 32.42 ? 39  ILE A CD1 1 
ATOM   194 N N   . THR A 1 41 ? 3.976   3.402   -7.496  1.00 32.07 ? 40  THR A N   1 
ATOM   195 C CA  . THR A 1 41 ? 4.904   2.283   -7.462  1.00 28.44 ? 40  THR A CA  1 
ATOM   196 C C   . THR A 1 41 ? 5.174   1.840   -6.030  1.00 32.61 ? 40  THR A C   1 
ATOM   197 O O   . THR A 1 41 ? 4.907   2.582   -5.079  1.00 31.81 ? 40  THR A O   1 
ATOM   198 C CB  . THR A 1 41 ? 6.225   2.676   -8.137  1.00 32.69 ? 40  THR A CB  1 
ATOM   199 O OG1 . THR A 1 41 ? 6.793   3.804   -7.458  1.00 34.51 ? 40  THR A OG1 1 
ATOM   200 C CG2 . THR A 1 41 ? 5.992   3.028   -9.601  1.00 36.24 ? 40  THR A CG2 1 
ATOM   201 N N   . PRO A 1 42 ? 5.704   0.626   -5.835  1.00 30.86 ? 41  PRO A N   1 
ATOM   202 C CA  . PRO A 1 42 ? 6.068   0.207   -4.467  1.00 35.11 ? 41  PRO A CA  1 
ATOM   203 C C   . PRO A 1 42 ? 7.110   1.101   -3.819  1.00 30.21 ? 41  PRO A C   1 
ATOM   204 O O   . PRO A 1 42 ? 7.079   1.293   -2.598  1.00 30.18 ? 41  PRO A O   1 
ATOM   205 C CB  . PRO A 1 42 ? 6.597   -1.222  -4.659  1.00 35.15 ? 41  PRO A CB  1 
ATOM   206 C CG  . PRO A 1 42 ? 6.049   -1.672  -5.954  1.00 38.71 ? 41  PRO A CG  1 
ATOM   207 C CD  . PRO A 1 42 ? 5.876   -0.462  -6.813  1.00 31.44 ? 41  PRO A CD  1 
ATOM   208 N N   . ASP A 1 43 ? 8.044   1.643   -4.607  1.00 34.68 ? 42  ASP A N   1 
ATOM   209 C CA  . ASP A 1 43 ? 9.048   2.543   -4.050  1.00 35.96 ? 42  ASP A CA  1 
ATOM   210 C C   . ASP A 1 43 ? 8.401   3.798   -3.483  1.00 34.47 ? 42  ASP A C   1 
ATOM   211 O O   . ASP A 1 43 ? 8.783   4.270   -2.404  1.00 33.69 ? 42  ASP A O   1 
ATOM   212 C CB  . ASP A 1 43 ? 10.077  2.911   -5.121  1.00 40.21 ? 42  ASP A CB  1 
ATOM   213 N N   . ARG A 1 44 ? 7.428   4.361   -4.201  1.00 30.98 ? 43  ARG A N   1 
ATOM   214 C CA  . ARG A 1 44 ? 6.741   5.546   -3.705  1.00 34.49 ? 43  ARG A CA  1 
ATOM   215 C C   . ARG A 1 44 ? 5.832   5.216   -2.529  1.00 33.17 ? 43  ARG A C   1 
ATOM   216 O O   . ARG A 1 44 ? 5.651   6.051   -1.635  1.00 30.29 ? 43  ARG A O   1 
ATOM   217 C CB  . ARG A 1 44 ? 5.943   6.203   -4.830  1.00 35.67 ? 43  ARG A CB  1 
ATOM   218 C CG  . ARG A 1 44 ? 6.775   7.152   -5.681  1.00 37.61 ? 43  ARG A CG  1 
ATOM   219 C CD  . ARG A 1 44 ? 6.007   7.664   -6.885  1.00 43.92 ? 43  ARG A CD  1 
ATOM   220 N NE  . ARG A 1 44 ? 5.116   8.769   -6.528  1.00 46.09 ? 43  ARG A NE  1 
ATOM   221 C CZ  . ARG A 1 44 ? 3.998   9.072   -7.181  1.00 44.15 ? 43  ARG A CZ  1 
ATOM   222 N NH1 . ARG A 1 44 ? 3.627   8.360   -8.238  1.00 45.51 ? 43  ARG A NH1 1 
ATOM   223 N NH2 . ARG A 1 44 ? 3.252   10.091  -6.781  1.00 49.99 ? 43  ARG A NH2 1 
ATOM   224 N N   . LEU A 1 45 ? 5.248   4.014   -2.513  1.00 28.34 ? 44  LEU A N   1 
ATOM   225 C CA  . LEU A 1 45 ? 4.467   3.596   -1.353  1.00 29.43 ? 44  LEU A CA  1 
ATOM   226 C C   . LEU A 1 45 ? 5.358   3.390   -0.137  1.00 29.40 ? 44  LEU A C   1 
ATOM   227 O O   . LEU A 1 45 ? 4.953   3.690   0.993   1.00 29.59 ? 44  LEU A O   1 
ATOM   228 C CB  . LEU A 1 45 ? 3.693   2.314   -1.663  1.00 27.12 ? 44  LEU A CB  1 
ATOM   229 C CG  . LEU A 1 45 ? 2.459   2.446   -2.559  1.00 29.69 ? 44  LEU A CG  1 
ATOM   230 C CD1 . LEU A 1 45 ? 1.950   1.071   -2.980  1.00 30.47 ? 44  LEU A CD1 1 
ATOM   231 C CD2 . LEU A 1 45 ? 1.368   3.236   -1.840  1.00 30.34 ? 44  LEU A CD2 1 
ATOM   232 N N   . GLN A 1 46 ? 6.570   2.870   -0.348  1.00 30.26 ? 45  GLN A N   1 
ATOM   233 C CA  . GLN A 1 46 ? 7.501   2.686   0.760   1.00 30.39 ? 45  GLN A CA  1 
ATOM   234 C C   . GLN A 1 46 ? 7.852   4.015   1.414   1.00 31.19 ? 45  GLN A C   1 
ATOM   235 O O   . GLN A 1 46 ? 7.931   4.107   2.645   1.00 32.75 ? 45  GLN A O   1 
ATOM   236 C CB  . GLN A 1 46 ? 8.768   1.986   0.272   1.00 30.67 ? 45  GLN A CB  1 
ATOM   237 C CG  . GLN A 1 46 ? 9.773   1.705   1.381   1.00 33.37 ? 45  GLN A CG  1 
ATOM   238 C CD  . GLN A 1 46 ? 10.887  0.780   0.937   1.00 41.49 ? 45  GLN A CD  1 
ATOM   239 O OE1 . GLN A 1 46 ? 10.694  -0.426  0.818   1.00 41.18 ? 45  GLN A OE1 1 
ATOM   240 N NE2 . GLN A 1 46 ? 12.059  1.345   0.676   1.00 47.38 ? 45  GLN A NE2 1 
ATOM   241 N N   . LEU A 1 47 ? 8.075   5.054   0.608   1.00 29.70 ? 46  LEU A N   1 
ATOM   242 C CA  . LEU A 1 47 ? 8.419   6.361   1.159   1.00 30.27 ? 46  LEU A CA  1 
ATOM   243 C C   . LEU A 1 47 ? 7.305   6.885   2.056   1.00 29.56 ? 46  LEU A C   1 
ATOM   244 O O   . LEU A 1 47 ? 7.563   7.388   3.155   1.00 30.47 ? 46  LEU A O   1 
ATOM   245 C CB  . LEU A 1 47 ? 8.718   7.343   0.024   1.00 30.83 ? 46  LEU A CB  1 
ATOM   246 C CG  . LEU A 1 47 ? 9.329   8.702   0.381   1.00 34.99 ? 46  LEU A CG  1 
ATOM   247 C CD1 . LEU A 1 47 ? 10.198  9.206   -0.759  1.00 38.05 ? 46  LEU A CD1 1 
ATOM   248 C CD2 . LEU A 1 47 ? 8.260   9.722   0.693   1.00 33.16 ? 46  LEU A CD2 1 
ATOM   249 N N   . VAL A 1 48 ? 6.055   6.769   1.601   1.00 26.22 ? 47  VAL A N   1 
ATOM   250 C CA  . VAL A 1 48 ? 4.924   7.266   2.383   1.00 29.09 ? 47  VAL A CA  1 
ATOM   251 C C   . VAL A 1 48 ? 4.768   6.456   3.664   1.00 29.82 ? 47  VAL A C   1 
ATOM   252 O O   . VAL A 1 48 ? 4.625   7.009   4.761   1.00 29.98 ? 47  VAL A O   1 
ATOM   253 C CB  . VAL A 1 48 ? 3.637   7.240   1.539   1.00 33.67 ? 47  VAL A CB  1 
ATOM   254 C CG1 . VAL A 1 48 ? 2.483   7.888   2.285   1.00 32.55 ? 47  VAL A CG1 1 
ATOM   255 C CG2 . VAL A 1 48 ? 3.872   7.943   0.221   1.00 36.03 ? 47  VAL A CG2 1 
ATOM   256 N N   . CYS A 1 49 ? 4.810   5.129   3.537   1.00 29.06 ? 48  CYS A N   1 
ATOM   257 C CA  . CYS A 1 49 ? 4.572   4.260   4.683   1.00 30.55 ? 48  CYS A CA  1 
ATOM   258 C C   . CYS A 1 49 ? 5.639   4.454   5.756   1.00 31.46 ? 48  CYS A C   1 
ATOM   259 O O   . CYS A 1 49 ? 5.319   4.542   6.945   1.00 37.41 ? 48  CYS A O   1 
ATOM   260 C CB  . CYS A 1 49 ? 4.518   2.809   4.209   1.00 33.94 ? 48  CYS A CB  1 
ATOM   261 S SG  . CYS A 1 49 ? 3.878   1.624   5.405   1.00 34.91 ? 48  CYS A SG  1 
ATOM   262 N N   . ASN A 1 50 ? 6.909   4.538   5.356   1.00 31.57 ? 49  ASN A N   1 
ATOM   263 C CA  . ASN A 1 50 ? 7.977   4.759   6.327   1.00 34.15 ? 49  ASN A CA  1 
ATOM   264 C C   . ASN A 1 50 ? 7.903   6.149   6.942   1.00 37.63 ? 49  ASN A C   1 
ATOM   265 O O   . ASN A 1 50 ? 8.312   6.334   8.093   1.00 38.70 ? 49  ASN A O   1 
ATOM   266 C CB  . ASN A 1 50 ? 9.344   4.531   5.677   1.00 37.17 ? 49  ASN A CB  1 
ATOM   267 C CG  . ASN A 1 50 ? 9.793   3.089   5.771   1.00 39.97 ? 49  ASN A CG  1 
ATOM   268 O OD1 . ASN A 1 50 ? 9.402   2.362   6.693   1.00 42.51 ? 49  ASN A OD1 1 
ATOM   269 N ND2 . ASN A 1 50 ? 10.624  2.665   4.827   1.00 41.09 ? 49  ASN A ND2 1 
ATOM   270 N N   . ALA A 1 51 ? 7.401   7.137   6.195   1.00 32.93 ? 50  ALA A N   1 
ATOM   271 C CA  . ALA A 1 51 ? 7.133   8.439   6.795   1.00 36.49 ? 50  ALA A CA  1 
ATOM   272 C C   . ALA A 1 51 ? 6.097   8.318   7.904   1.00 39.09 ? 50  ALA A C   1 
ATOM   273 O O   . ALA A 1 51 ? 6.239   8.931   8.969   1.00 37.08 ? 50  ALA A O   1 
ATOM   274 C CB  . ALA A 1 51 ? 6.663   9.426   5.726   1.00 33.90 ? 50  ALA A CB  1 
ATOM   275 N N   . LEU A 1 52 ? 5.060   7.510   7.678   1.00 34.06 ? 51  LEU A N   1 
ATOM   276 C CA  . LEU A 1 52 ? 4.027   7.319   8.691   1.00 36.98 ? 51  LEU A CA  1 
ATOM   277 C C   . LEU A 1 52 ? 4.555   6.521   9.879   1.00 40.70 ? 51  LEU A C   1 
ATOM   278 O O   . LEU A 1 52 ? 4.180   6.786   11.027  1.00 41.80 ? 51  LEU A O   1 
ATOM   279 C CB  . LEU A 1 52 ? 2.816   6.622   8.070   1.00 36.78 ? 51  LEU A CB  1 
ATOM   280 C CG  . LEU A 1 52 ? 1.891   7.480   7.203   1.00 35.73 ? 51  LEU A CG  1 
ATOM   281 C CD1 . LEU A 1 52 ? 1.017   6.596   6.332   1.00 41.42 ? 51  LEU A CD1 1 
ATOM   282 C CD2 . LEU A 1 52 ? 1.029   8.392   8.061   1.00 41.69 ? 51  LEU A CD2 1 
ATOM   283 N N   . LEU A 1 53 ? 5.430   5.543   9.624   1.00 38.08 ? 52  LEU A N   1 
ATOM   284 C CA  . LEU A 1 53 ? 5.929   4.685   10.695  1.00 40.79 ? 52  LEU A CA  1 
ATOM   285 C C   . LEU A 1 53 ? 6.946   5.391   11.586  1.00 47.79 ? 52  LEU A C   1 
ATOM   286 O O   . LEU A 1 53 ? 7.096   5.005   12.751  1.00 45.22 ? 52  LEU A O   1 
ATOM   287 C CB  . LEU A 1 53 ? 6.538   3.409   10.110  1.00 41.08 ? 52  LEU A CB  1 
ATOM   288 C CG  . LEU A 1 53 ? 5.565   2.440   9.427   1.00 35.01 ? 52  LEU A CG  1 
ATOM   289 C CD1 . LEU A 1 53 ? 6.318   1.415   8.589   1.00 37.99 ? 52  LEU A CD1 1 
ATOM   290 C CD2 . LEU A 1 53 ? 4.675   1.744   10.447  1.00 39.11 ? 52  LEU A CD2 1 
ATOM   291 N N   . ALA A 1 54 ? 7.647   6.399   11.062  1.00 42.88 ? 53  ALA A N   1 
ATOM   292 C CA  . ALA A 1 54 ? 8.507   7.285   11.852  1.00 49.25 ? 53  ALA A CA  1 
ATOM   293 C C   . ALA A 1 54 ? 9.483   6.505   12.732  1.00 53.06 ? 53  ALA A C   1 
ATOM   294 O O   . ALA A 1 54 ? 9.631   6.768   13.927  1.00 58.33 ? 53  ALA A O   1 
ATOM   295 C CB  . ALA A 1 54 ? 7.665   8.245   12.693  1.00 48.60 ? 53  ALA A CB  1 
ATOM   296 N N   . GLN A 1 55 ? 10.156  5.530   12.130  1.00 52.80 ? 54  GLN A N   1 
ATOM   297 C CA  . GLN A 1 55 ? 11.127  4.721   12.849  1.00 57.28 ? 54  GLN A CA  1 
ATOM   298 C C   . GLN A 1 55 ? 12.525  5.311   12.712  1.00 60.73 ? 54  GLN A C   1 
ATOM   299 O O   . GLN A 1 55 ? 12.842  5.992   11.732  1.00 65.41 ? 54  GLN A O   1 
ATOM   300 C CB  . GLN A 1 55 ? 11.127  3.281   12.336  1.00 54.93 ? 54  GLN A CB  1 
ATOM   301 C CG  . GLN A 1 55 ? 9.908   2.474   12.730  1.00 55.95 ? 54  GLN A CG  1 
ATOM   302 C CD  . GLN A 1 55 ? 9.451   1.547   11.620  1.00 56.85 ? 54  GLN A CD  1 
ATOM   303 O OE1 . GLN A 1 55 ? 9.829   1.715   10.459  1.00 54.22 ? 54  GLN A OE1 1 
ATOM   304 N NE2 . GLN A 1 55 ? 8.638   0.557   11.972  1.00 51.44 ? 54  GLN A NE2 1 
ATOM   305 N N   . GLU A 1 56 ? 13.364  5.037   13.712  1.00 63.86 ? 55  GLU A N   1 
ATOM   306 C CA  . GLU A 1 56 ? 14.768  5.424   13.620  1.00 61.63 ? 55  GLU A CA  1 
ATOM   307 C C   . GLU A 1 56 ? 15.502  4.572   12.594  1.00 66.53 ? 55  GLU A C   1 
ATOM   308 O O   . GLU A 1 56 ? 16.400  5.060   11.897  1.00 64.54 ? 55  GLU A O   1 
ATOM   309 C CB  . GLU A 1 56 ? 15.436  5.313   14.990  1.00 64.55 ? 55  GLU A CB  1 
ATOM   310 N N   . ASP A 1 57 ? 15.132  3.293   12.485  1.00 62.55 ? 56  ASP A N   1 
ATOM   311 C CA  . ASP A 1 57 ? 15.723  2.356   11.532  1.00 63.92 ? 56  ASP A CA  1 
ATOM   312 C C   . ASP A 1 57 ? 14.598  1.770   10.690  1.00 61.14 ? 56  ASP A C   1 
ATOM   313 O O   . ASP A 1 57 ? 14.085  0.680   10.992  1.00 58.52 ? 56  ASP A O   1 
ATOM   314 C CB  . ASP A 1 57 ? 16.513  1.258   12.243  1.00 62.29 ? 56  ASP A CB  1 
ATOM   315 N N   . PRO A 1 58 ? 14.181  2.459   9.632   1.00 59.19 ? 57  PRO A N   1 
ATOM   316 C CA  . PRO A 1 58 ? 13.117  1.926   8.781   1.00 54.34 ? 57  PRO A CA  1 
ATOM   317 C C   . PRO A 1 58 ? 13.632  0.799   7.902   1.00 51.32 ? 57  PRO A C   1 
ATOM   318 O O   . PRO A 1 58 ? 14.832  0.665   7.646   1.00 50.59 ? 57  PRO A O   1 
ATOM   319 C CB  . PRO A 1 58 ? 12.691  3.137   7.949   1.00 50.00 ? 57  PRO A CB  1 
ATOM   320 C CG  . PRO A 1 58 ? 13.935  3.944   7.832   1.00 56.58 ? 57  PRO A CG  1 
ATOM   321 C CD  . PRO A 1 58 ? 14.719  3.730   9.112   1.00 56.81 ? 57  PRO A CD  1 
ATOM   322 N N   . LEU A 1 59 ? 12.695  -0.015  7.436   1.00 48.10 ? 58  LEU A N   1 
ATOM   323 C CA  . LEU A 1 59 ? 12.993  -1.237  6.711   1.00 46.17 ? 58  LEU A CA  1 
ATOM   324 C C   . LEU A 1 59 ? 12.365  -1.217  5.325   1.00 42.54 ? 58  LEU A C   1 
ATOM   325 O O   . LEU A 1 59 ? 11.382  -0.506  5.089   1.00 43.43 ? 58  LEU A O   1 
ATOM   326 C CB  . LEU A 1 59 ? 12.487  -2.457  7.493   1.00 46.52 ? 58  LEU A CB  1 
ATOM   327 C CG  . LEU A 1 59 ? 13.217  -2.641  8.822   1.00 50.86 ? 58  LEU A CG  1 
ATOM   328 C CD1 . LEU A 1 59 ? 12.456  -3.570  9.757   1.00 50.49 ? 58  LEU A CD1 1 
ATOM   329 C CD2 . LEU A 1 59 ? 14.612  -3.154  8.542   1.00 50.63 ? 58  LEU A CD2 1 
ATOM   330 N N   . PRO A 1 60 ? 12.917  -1.980  4.380   1.00 44.68 ? 59  PRO A N   1 
ATOM   331 C CA  . PRO A 1 60 ? 12.249  -2.133  3.084   1.00 40.83 ? 59  PRO A CA  1 
ATOM   332 C C   . PRO A 1 60 ? 10.903  -2.812  3.269   1.00 42.48 ? 59  PRO A C   1 
ATOM   333 O O   . PRO A 1 60 ? 10.731  -3.669  4.139   1.00 40.93 ? 59  PRO A O   1 
ATOM   334 C CB  . PRO A 1 60 ? 13.218  -3.010  2.277   1.00 45.61 ? 59  PRO A CB  1 
ATOM   335 C CG  . PRO A 1 60 ? 14.507  -2.982  3.032   1.00 48.29 ? 59  PRO A CG  1 
ATOM   336 C CD  . PRO A 1 60 ? 14.144  -2.785  4.462   1.00 47.00 ? 59  PRO A CD  1 
ATOM   337 N N   . LEU A 1 61 ? 9.939   -2.416  2.448   1.00 37.31 ? 60  LEU A N   1 
ATOM   338 C CA  . LEU A 1 61 ? 8.573   -2.886  2.601   1.00 35.96 ? 60  LEU A CA  1 
ATOM   339 C C   . LEU A 1 61 ? 8.060   -3.505  1.309   1.00 34.25 ? 60  LEU A C   1 
ATOM   340 O O   . LEU A 1 61 ? 8.389   -3.055  0.207   1.00 33.75 ? 60  LEU A O   1 
ATOM   341 C CB  . LEU A 1 61 ? 7.643   -1.747  3.035   1.00 36.13 ? 60  LEU A CB  1 
ATOM   342 C CG  . LEU A 1 61 ? 7.936   -1.102  4.390   1.00 35.03 ? 60  LEU A CG  1 
ATOM   343 C CD1 . LEU A 1 61 ? 7.000   0.080   4.622   1.00 31.62 ? 60  LEU A CD1 1 
ATOM   344 C CD2 . LEU A 1 61 ? 7.796   -2.131  5.495   1.00 39.39 ? 60  LEU A CD2 1 
ATOM   345 N N   . ALA A 1 62 ? 7.258   -4.552  1.467   1.00 31.29 ? 61  ALA A N   1 
ATOM   346 C CA  . ALA A 1 62 ? 6.464   -5.128  0.395   1.00 34.35 ? 61  ALA A CA  1 
ATOM   347 C C   . ALA A 1 62 ? 4.999   -4.798  0.647   1.00 32.52 ? 61  ALA A C   1 
ATOM   348 O O   . ALA A 1 62 ? 4.573   -4.636  1.794   1.00 33.06 ? 61  ALA A O   1 
ATOM   349 C CB  . ALA A 1 62 ? 6.661   -6.645  0.307   1.00 36.16 ? 61  ALA A CB  1 
ATOM   350 N N   . PHE A 1 63 ? 4.230   -4.686  -0.430  1.00 27.67 ? 62  PHE A N   1 
ATOM   351 C CA  . PHE A 1 63 ? 2.848   -4.246  -0.336  1.00 29.93 ? 62  PHE A CA  1 
ATOM   352 C C   . PHE A 1 63 ? 1.943   -5.216  -1.078  1.00 31.46 ? 62  PHE A C   1 
ATOM   353 O O   . PHE A 1 63 ? 2.338   -5.807  -2.087  1.00 28.99 ? 62  PHE A O   1 
ATOM   354 C CB  . PHE A 1 63 ? 2.683   -2.829  -0.894  1.00 28.98 ? 62  PHE A CB  1 
ATOM   355 C CG  . PHE A 1 63 ? 3.556   -1.812  -0.217  1.00 30.62 ? 62  PHE A CG  1 
ATOM   356 C CD1 . PHE A 1 63 ? 3.149   -1.211  0.960   1.00 29.34 ? 62  PHE A CD1 1 
ATOM   357 C CD2 . PHE A 1 63 ? 4.784   -1.459  -0.755  1.00 29.61 ? 62  PHE A CD2 1 
ATOM   358 C CE1 . PHE A 1 63 ? 3.944   -0.276  1.589   1.00 31.61 ? 62  PHE A CE1 1 
ATOM   359 C CE2 . PHE A 1 63 ? 5.586   -0.523  -0.131  1.00 31.37 ? 62  PHE A CE2 1 
ATOM   360 C CZ  . PHE A 1 63 ? 5.164   0.069   1.044   1.00 30.27 ? 62  PHE A CZ  1 
ATOM   361 N N   . PHE A 1 64 ? 0.723   -5.378  -0.564  1.00 27.99 ? 63  PHE A N   1 
ATOM   362 C CA  . PHE A 1 64 ? -0.226  -6.345  -1.092  1.00 30.93 ? 63  PHE A CA  1 
ATOM   363 C C   . PHE A 1 64 ? -1.624  -5.745  -1.098  1.00 32.75 ? 63  PHE A C   1 
ATOM   364 O O   . PHE A 1 64 ? -2.022  -5.068  -0.145  1.00 29.63 ? 63  PHE A O   1 
ATOM   365 C CB  . PHE A 1 64 ? -0.235  -7.644  -0.269  1.00 27.74 ? 63  PHE A CB  1 
ATOM   366 C CG  . PHE A 1 64 ? 1.123   -8.261  -0.078  1.00 31.23 ? 63  PHE A CG  1 
ATOM   367 C CD1 . PHE A 1 64 ? 1.971   -7.816  0.923   1.00 34.86 ? 63  PHE A CD1 1 
ATOM   368 C CD2 . PHE A 1 64 ? 1.546   -9.291  -0.899  1.00 34.20 ? 63  PHE A CD2 1 
ATOM   369 C CE1 . PHE A 1 64 ? 3.217   -8.382  1.097   1.00 31.62 ? 63  PHE A CE1 1 
ATOM   370 C CE2 . PHE A 1 64 ? 2.789   -9.864  -0.731  1.00 32.75 ? 63  PHE A CE2 1 
ATOM   371 C CZ  . PHE A 1 64 ? 3.626   -9.408  0.269   1.00 36.77 ? 63  PHE A CZ  1 
ATOM   372 N N   . VAL A 1 65 ? -2.360  -5.992  -2.180  1.00 32.12 ? 64  VAL A N   1 
ATOM   373 C CA  . VAL A 1 65 ? -3.772  -5.643  -2.279  1.00 37.06 ? 64  VAL A CA  1 
ATOM   374 C C   . VAL A 1 65 ? -4.526  -6.894  -2.711  1.00 44.73 ? 64  VAL A C   1 
ATOM   375 O O   . VAL A 1 65 ? -4.162  -7.527  -3.713  1.00 43.46 ? 64  VAL A O   1 
ATOM   376 C CB  . VAL A 1 65 ? -4.038  -4.469  -3.246  1.00 38.32 ? 64  VAL A CB  1 
ATOM   377 C CG1 . VAL A 1 65 ? -3.495  -3.181  -2.675  1.00 39.87 ? 64  VAL A CG1 1 
ATOM   378 C CG2 . VAL A 1 65 ? -3.457  -4.713  -4.630  1.00 39.10 ? 64  VAL A CG2 1 
ATOM   379 N N   . HIS A 1 66 ? -5.548  -7.267  -1.942  1.00 46.90 ? 65  HIS A N   1 
ATOM   380 C CA  . HIS A 1 66 ? -6.375  -8.442  -2.220  1.00 51.50 ? 65  HIS A CA  1 
ATOM   381 C C   . HIS A 1 66 ? -5.522  -9.679  -2.511  1.00 51.55 ? 65  HIS A C   1 
ATOM   382 O O   . HIS A 1 66 ? -5.701  -10.365 -3.520  1.00 53.95 ? 65  HIS A O   1 
ATOM   383 C CB  . HIS A 1 66 ? -7.344  -8.167  -3.371  1.00 52.59 ? 65  HIS A CB  1 
ATOM   384 C CG  . HIS A 1 66 ? -8.353  -7.104  -3.070  1.00 54.90 ? 65  HIS A CG  1 
ATOM   385 N ND1 . HIS A 1 66 ? -8.983  -6.999  -1.848  1.00 61.53 ? 65  HIS A ND1 1 
ATOM   386 C CD2 . HIS A 1 66 ? -8.850  -6.104  -3.836  1.00 56.90 ? 65  HIS A CD2 1 
ATOM   387 C CE1 . HIS A 1 66 ? -9.820  -5.978  -1.874  1.00 58.07 ? 65  HIS A CE1 1 
ATOM   388 N NE2 . HIS A 1 66 ? -9.760  -5.419  -3.068  1.00 59.88 ? 65  HIS A NE2 1 
ATOM   389 N N   . ASP A 1 67 ? -4.568  -9.946  -1.616  1.00 50.57 ? 66  ASP A N   1 
ATOM   390 C CA  . ASP A 1 67 ? -3.706  -11.130 -1.693  1.00 52.55 ? 66  ASP A CA  1 
ATOM   391 C C   . ASP A 1 67 ? -2.920  -11.195 -3.001  1.00 50.90 ? 66  ASP A C   1 
ATOM   392 O O   . ASP A 1 67 ? -2.688  -12.276 -3.546  1.00 53.36 ? 66  ASP A O   1 
ATOM   393 C CB  . ASP A 1 67 ? -4.510  -12.417 -1.491  1.00 56.37 ? 66  ASP A CB  1 
ATOM   394 C CG  . ASP A 1 67 ? -4.743  -12.729 -0.028  1.00 64.00 ? 66  ASP A CG  1 
ATOM   395 O OD1 . ASP A 1 67 ? -3.748  -12.833 0.722   1.00 64.23 ? 66  ASP A OD1 1 
ATOM   396 O OD2 . ASP A 1 67 ? -5.917  -12.861 0.376   1.00 65.95 ? 66  ASP A OD2 1 
ATOM   397 N N   . ALA A 1 68 ? -2.506  -10.041 -3.513  1.00 40.85 ? 67  ALA A N   1 
ATOM   398 C CA  . ALA A 1 68 ? -1.601  -9.964  -4.649  1.00 40.33 ? 67  ALA A CA  1 
ATOM   399 C C   . ALA A 1 68 ? -0.590  -8.867  -4.368  1.00 37.10 ? 67  ALA A C   1 
ATOM   400 O O   . ALA A 1 68 ? -0.959  -7.779  -3.917  1.00 33.52 ? 67  ALA A O   1 
ATOM   401 C CB  . ALA A 1 68 ? -2.347  -9.685  -5.958  1.00 41.09 ? 67  ALA A CB  1 
ATOM   402 N N   . GLU A 1 69 ? 0.683   -9.156  -4.616  1.00 30.82 ? 68  GLU A N   1 
ATOM   403 C CA  . GLU A 1 69 ? 1.732   -8.198  -4.304  1.00 34.44 ? 68  GLU A CA  1 
ATOM   404 C C   . GLU A 1 69 ? 1.784   -7.093  -5.349  1.00 34.75 ? 68  GLU A C   1 
ATOM   405 O O   . GLU A 1 69 ? 1.607   -7.336  -6.547  1.00 32.46 ? 68  GLU A O   1 
ATOM   406 C CB  . GLU A 1 69 ? 3.095   -8.888  -4.210  1.00 37.70 ? 68  GLU A CB  1 
ATOM   407 C CG  . GLU A 1 69 ? 4.189   -7.980  -3.660  1.00 33.37 ? 68  GLU A CG  1 
ATOM   408 C CD  . GLU A 1 69 ? 5.525   -8.679  -3.501  1.00 39.92 ? 68  GLU A CD  1 
ATOM   409 O OE1 . GLU A 1 69 ? 5.572   -9.920  -3.638  1.00 42.80 ? 68  GLU A OE1 1 
ATOM   410 O OE2 . GLU A 1 69 ? 6.528   -7.985  -3.234  1.00 39.74 ? 68  GLU A OE2 1 
ATOM   411 N N   . ILE A 1 70 ? 2.008   -5.867  -4.883  1.00 28.77 ? 69  ILE A N   1 
ATOM   412 C CA  . ILE A 1 70 ? 2.271   -4.735  -5.760  1.00 32.42 ? 69  ILE A CA  1 
ATOM   413 C C   . ILE A 1 70 ? 3.760   -4.780  -6.080  1.00 34.72 ? 69  ILE A C   1 
ATOM   414 O O   . ILE A 1 70 ? 4.596   -4.394  -5.265  1.00 34.53 ? 69  ILE A O   1 
ATOM   415 C CB  . ILE A 1 70 ? 1.866   -3.407  -5.117  1.00 29.85 ? 69  ILE A CB  1 
ATOM   416 C CG1 . ILE A 1 70 ? 0.391   -3.429  -4.716  1.00 29.76 ? 69  ILE A CG1 1 
ATOM   417 C CG2 . ILE A 1 70 ? 2.135   -2.253  -6.072  1.00 30.44 ? 69  ILE A CG2 1 
ATOM   418 C CD1 . ILE A 1 70 ? -0.034  -2.219  -3.902  1.00 32.75 ? 69  ILE A CD1 1 
ATOM   419 N N   . VAL A 1 71 ? 4.098   -5.290  -7.262  1.00 34.35 ? 70  VAL A N   1 
ATOM   420 C CA  . VAL A 1 71 ? 5.489   -5.411  -7.673  1.00 35.39 ? 70  VAL A CA  1 
ATOM   421 C C   . VAL A 1 71 ? 5.875   -4.385  -8.725  1.00 36.02 ? 70  VAL A C   1 
ATOM   422 O O   . VAL A 1 71 ? 7.078   -4.140  -8.913  1.00 37.67 ? 70  VAL A O   1 
ATOM   423 C CB  . VAL A 1 71 ? 5.804   -6.834  -8.181  1.00 37.26 ? 70  VAL A CB  1 
ATOM   424 C CG1 . VAL A 1 71 ? 5.644   -7.850  -7.065  1.00 34.16 ? 70  VAL A CG1 1 
ATOM   425 C CG2 . VAL A 1 71 ? 4.915   -7.183  -9.363  1.00 36.05 ? 70  VAL A CG2 1 
ATOM   426 N N   . SER A 1 72 ? 4.910   -3.774  -9.411  1.00 33.03 ? 71  SER A N   1 
ATOM   427 C CA  . SER A 1 72 ? 5.202   -2.810  -10.463 1.00 33.91 ? 71  SER A CA  1 
ATOM   428 C C   . SER A 1 72 ? 4.464   -1.503  -10.201 1.00 35.02 ? 71  SER A C   1 
ATOM   429 O O   . SER A 1 72 ? 5.085   -0.436  -10.130 1.00 32.51 ? 71  SER A O   1 
ATOM   430 C CB  . SER A 1 72 ? 4.827   -3.386  -11.830 1.00 36.21 ? 71  SER A CB  1 
ATOM   431 O OG  . SER A 1 72 ? 5.232   -2.522  -12.875 1.00 42.04 ? 71  SER A OG  1 
ATOM   432 N N   . SER A 1 73 ? 3.142   -1.577  -10.059 1.00 34.08 ? 72  SER A N   1 
ATOM   433 C CA  . SER A 1 73 ? 2.338   -0.417  -9.699  1.00 33.66 ? 72  SER A CA  1 
ATOM   434 C C   . SER A 1 73 ? 1.004   -0.899  -9.156  1.00 31.27 ? 72  SER A C   1 
ATOM   435 O O   . SER A 1 73 ? 0.577   -2.027  -9.417  1.00 31.32 ? 72  SER A O   1 
ATOM   436 C CB  . SER A 1 73 ? 2.120   0.523   -10.891 1.00 38.98 ? 72  SER A CB  1 
ATOM   437 O OG  . SER A 1 73 ? 1.099   0.037   -11.745 1.00 41.92 ? 72  SER A OG  1 
ATOM   438 N N   . LEU A 1 74 ? 0.352   -0.020  -8.394  1.00 35.54 ? 73  LEU A N   1 
ATOM   439 C CA  . LEU A 1 74 ? -0.962  -0.341  -7.847  1.00 33.97 ? 73  LEU A CA  1 
ATOM   440 C C   . LEU A 1 74 ? -1.939  -0.718  -8.955  1.00 34.98 ? 73  LEU A C   1 
ATOM   441 O O   . LEU A 1 74 ? -2.678  -1.702  -8.835  1.00 38.06 ? 73  LEU A O   1 
ATOM   442 C CB  . LEU A 1 74 ? -1.489  0.847   -7.041  1.00 28.43 ? 73  LEU A CB  1 
ATOM   443 C CG  . LEU A 1 74 ? -2.874  0.728   -6.403  1.00 34.71 ? 73  LEU A CG  1 
ATOM   444 C CD1 . LEU A 1 74 ? -2.958  -0.527  -5.537  1.00 34.06 ? 73  LEU A CD1 1 
ATOM   445 C CD2 . LEU A 1 74 ? -3.209  1.986   -5.598  1.00 32.44 ? 73  LEU A CD2 1 
ATOM   446 N N   . GLY A 1 75 ? -1.928  0.035   -10.056 1.00 35.18 ? 74  GLY A N   1 
ATOM   447 C CA  . GLY A 1 75 ? -2.871  -0.226  -11.132 1.00 36.80 ? 74  GLY A CA  1 
ATOM   448 C C   . GLY A 1 75 ? -2.654  -1.568  -11.803 1.00 38.15 ? 74  GLY A C   1 
ATOM   449 O O   . GLY A 1 75 ? -3.616  -2.274  -12.121 1.00 39.49 ? 74  GLY A O   1 
ATOM   450 N N   . LYS A 1 76 ? -1.392  -1.938  -12.035 1.00 37.72 ? 75  LYS A N   1 
ATOM   451 C CA  . LYS A 1 76 ? -1.099  -3.243  -12.622 1.00 36.38 ? 75  LYS A CA  1 
ATOM   452 C C   . LYS A 1 76 ? -1.673  -4.368  -11.770 1.00 40.15 ? 75  LYS A C   1 
ATOM   453 O O   . LYS A 1 76 ? -2.267  -5.319  -12.294 1.00 40.75 ? 75  LYS A O   1 
ATOM   454 C CB  . LYS A 1 76 ? 0.410   -3.417  -12.794 1.00 39.02 ? 75  LYS A CB  1 
ATOM   455 C CG  . LYS A 1 76 ? 0.981   -2.713  -14.010 1.00 43.45 ? 75  LYS A CG  1 
ATOM   456 N N   . THR A 1 77 ? -1.511  -4.275  -10.449 1.00 34.52 ? 76  THR A N   1 
ATOM   457 C CA  . THR A 1 77 ? -2.014  -5.328  -9.574  1.00 36.53 ? 76  THR A CA  1 
ATOM   458 C C   . THR A 1 77 ? -3.537  -5.318  -9.528  1.00 42.48 ? 76  THR A C   1 
ATOM   459 O O   . THR A 1 77 ? -4.174  -6.378  -9.507  1.00 41.09 ? 76  THR A O   1 
ATOM   460 C CB  . THR A 1 77 ? -1.426  -5.167  -8.171  1.00 35.60 ? 76  THR A CB  1 
ATOM   461 O OG1 . THR A 1 77 ? 0.004   -5.193  -8.250  1.00 33.30 ? 76  THR A OG1 1 
ATOM   462 C CG2 . THR A 1 77 ? -1.875  -6.307  -7.272  1.00 36.66 ? 76  THR A CG2 1 
ATOM   463 N N   . LEU A 1 78 ? -4.143  -4.127  -9.533  1.00 41.08 ? 77  LEU A N   1 
ATOM   464 C CA  . LEU A 1 78 ? -5.599  -4.042  -9.483  1.00 43.22 ? 77  LEU A CA  1 
ATOM   465 C C   . LEU A 1 78 ? -6.237  -4.523  -10.778 1.00 46.12 ? 77  LEU A C   1 
ATOM   466 O O   . LEU A 1 78 ? -7.321  -5.114  -10.745 1.00 49.37 ? 77  LEU A O   1 
ATOM   467 C CB  . LEU A 1 78 ? -6.041  -2.611  -9.189  1.00 38.50 ? 77  LEU A CB  1 
ATOM   468 C CG  . LEU A 1 78 ? -5.679  -2.018  -7.830  1.00 37.21 ? 77  LEU A CG  1 
ATOM   469 C CD1 . LEU A 1 78 ? -6.130  -0.582  -7.797  1.00 41.89 ? 77  LEU A CD1 1 
ATOM   470 C CD2 . LEU A 1 78 ? -6.308  -2.802  -6.692  1.00 40.12 ? 77  LEU A CD2 1 
ATOM   471 N N   . GLU A 1 79 ? -5.595  -4.265  -11.919 1.00 47.61 ? 78  GLU A N   1 
ATOM   472 C CA  . GLU A 1 79 ? -6.089  -4.795  -13.186 1.00 51.90 ? 78  GLU A CA  1 
ATOM   473 C C   . GLU A 1 79 ? -6.212  -6.312  -13.126 1.00 53.28 ? 78  GLU A C   1 
ATOM   474 O O   . GLU A 1 79 ? -7.176  -6.894  -13.635 1.00 60.59 ? 78  GLU A O   1 
ATOM   475 C CB  . GLU A 1 79 ? -5.163  -4.369  -14.327 1.00 49.04 ? 78  GLU A CB  1 
ATOM   476 N N   . SER A 1 80 ? -5.254  -6.967  -12.470 1.00 53.21 ? 79  SER A N   1 
ATOM   477 C CA  . SER A 1 80 ? -5.261  -8.419  -12.335 1.00 55.23 ? 79  SER A CA  1 
ATOM   478 C C   . SER A 1 80 ? -6.325  -8.879  -11.346 1.00 58.75 ? 79  SER A C   1 
ATOM   479 O O   . SER A 1 80 ? -6.345  -10.047 -10.941 1.00 57.28 ? 79  SER A O   1 
ATOM   480 C CB  . SER A 1 80 ? -3.880  -8.916  -11.900 1.00 51.88 ? 79  SER A CB  1 
ATOM   481 N N   . GLN A 1 81 ? -7.210  -7.972  -10.947 1.00 58.27 ? 80  GLN A N   1 
ATOM   482 C CA  . GLN A 1 81 ? -8.336  -8.316  -10.090 1.00 57.64 ? 80  GLN A CA  1 
ATOM   483 C C   . GLN A 1 81 ? -9.573  -7.543  -10.530 1.00 62.52 ? 80  GLN A C   1 
ATOM   484 O O   . GLN A 1 81 ? -9.629  -7.035  -11.653 1.00 70.79 ? 80  GLN A O   1 
ATOM   485 C CB  . GLN A 1 81 ? -8.008  -8.024  -8.627  1.00 57.25 ? 80  GLN A CB  1 
ATOM   486 N N   . ALA A 1 82 ? -10.558 -7.457  -9.644  1.00 65.40 ? 81  ALA A N   1 
ATOM   487 C CA  . ALA A 1 82 ? -11.798 -6.747  -9.939  1.00 58.78 ? 81  ALA A CA  1 
ATOM   488 N N   . GLU A 1 84 ? -14.169 -3.388  -8.673  0.50 57.68 ? 83  GLU A N   1 
ATOM   489 C CA  . GLU A 1 84 ? -13.841 -2.585  -7.501  0.50 57.33 ? 83  GLU A CA  1 
ATOM   490 C C   . GLU A 1 84 ? -15.037 -1.770  -7.024  0.50 58.35 ? 83  GLU A C   1 
ATOM   491 O O   . GLU A 1 84 ? -15.193 -0.607  -7.395  0.50 60.48 ? 83  GLU A O   1 
ATOM   492 C CB  . GLU A 1 84 ? -12.664 -1.653  -7.802  0.50 56.50 ? 83  GLU A CB  1 
ATOM   493 N N   . THR A 1 85 ? -15.882 -2.391  -6.201  1.00 60.25 ? 84  THR A N   1 
ATOM   494 C CA  . THR A 1 85 ? -17.005 -1.689  -5.596  1.00 58.50 ? 84  THR A CA  1 
ATOM   495 C C   . THR A 1 85 ? -16.620 -0.944  -4.327  1.00 57.14 ? 84  THR A C   1 
ATOM   496 O O   . THR A 1 85 ? -17.436 -0.174  -3.812  1.00 54.95 ? 84  THR A O   1 
ATOM   497 C CB  . THR A 1 85 ? -18.138 -2.668  -5.267  1.00 54.69 ? 84  THR A CB  1 
ATOM   498 O OG1 . THR A 1 85 ? -17.586 -3.897  -4.777  1.00 54.23 ? 84  THR A OG1 1 
ATOM   499 C CG2 . THR A 1 85 ? -18.988 -2.953  -6.500  1.00 53.41 ? 84  THR A CG2 1 
ATOM   500 N N   . GLU A 1 86 ? -15.411 -1.152  -3.811  1.00 59.92 ? 85  GLU A N   1 
ATOM   501 C CA  . GLU A 1 86 ? -15.066 -0.613  -2.505  1.00 57.06 ? 85  GLU A CA  1 
ATOM   502 C C   . GLU A 1 86 ? -14.788 0.885   -2.581  1.00 52.64 ? 85  GLU A C   1 
ATOM   503 O O   . GLU A 1 86 ? -14.443 1.436   -3.631  1.00 57.16 ? 85  GLU A O   1 
ATOM   504 C CB  . GLU A 1 86 ? -13.856 -1.337  -1.914  1.00 57.77 ? 85  GLU A CB  1 
ATOM   505 C CG  . GLU A 1 86 ? -12.827 -1.800  -2.928  1.00 59.32 ? 85  GLU A CG  1 
ATOM   506 C CD  . GLU A 1 86 ? -11.890 -2.845  -2.352  1.00 61.09 ? 85  GLU A CD  1 
ATOM   507 O OE1 . GLU A 1 86 ? -11.412 -2.654  -1.213  1.00 58.13 ? 85  GLU A OE1 1 
ATOM   508 O OE2 . GLU A 1 86 ? -11.635 -3.859  -3.036  1.00 64.77 ? 85  GLU A OE2 1 
ATOM   509 N N   . LYS A 1 87 ? -14.953 1.544   -1.435  1.00 50.27 ? 86  LYS A N   1 
ATOM   510 C CA  . LYS A 1 87 ? -14.688 2.970   -1.300  1.00 51.57 ? 86  LYS A CA  1 
ATOM   511 C C   . LYS A 1 87 ? -13.291 3.271   -0.774  1.00 49.87 ? 86  LYS A C   1 
ATOM   512 O O   . LYS A 1 87 ? -12.737 4.327   -1.095  1.00 47.71 ? 86  LYS A O   1 
ATOM   513 C CB  . LYS A 1 87 ? -15.724 3.616   -0.372  1.00 50.17 ? 86  LYS A CB  1 
ATOM   514 N N   . VAL A 1 88 ? -12.716 2.380   0.031   1.00 48.04 ? 87  VAL A N   1 
ATOM   515 C CA  . VAL A 1 88 ? -11.356 2.526   0.536   1.00 44.88 ? 87  VAL A CA  1 
ATOM   516 C C   . VAL A 1 88 ? -10.626 1.208   0.315   1.00 43.24 ? 87  VAL A C   1 
ATOM   517 O O   . VAL A 1 88 ? -11.147 0.140   0.655   1.00 41.02 ? 87  VAL A O   1 
ATOM   518 C CB  . VAL A 1 88 ? -11.329 2.920   2.025   1.00 46.06 ? 87  VAL A CB  1 
ATOM   519 C CG1 . VAL A 1 88 ? -9.896  3.062   2.507   1.00 42.94 ? 87  VAL A CG1 1 
ATOM   520 C CG2 . VAL A 1 88 ? -12.085 4.220   2.246   1.00 47.02 ? 87  VAL A CG2 1 
ATOM   521 N N   . LEU A 1 89 ? -9.424  1.283   -0.247  1.00 40.57 ? 88  LEU A N   1 
ATOM   522 C CA  . LEU A 1 89 ? -8.647  0.103   -0.607  1.00 36.14 ? 88  LEU A CA  1 
ATOM   523 C C   . LEU A 1 89 ? -7.558  -0.123  0.437   1.00 34.82 ? 88  LEU A C   1 
ATOM   524 O O   . LEU A 1 89 ? -6.710  0.750   0.654   1.00 33.77 ? 88  LEU A O   1 
ATOM   525 C CB  . LEU A 1 89 ? -8.040  0.269   -2.000  1.00 36.87 ? 88  LEU A CB  1 
ATOM   526 C CG  . LEU A 1 89 ? -7.074  -0.812  -2.480  1.00 43.61 ? 88  LEU A CG  1 
ATOM   527 C CD1 . LEU A 1 89 ? -7.819  -2.116  -2.720  1.00 43.08 ? 88  LEU A CD1 1 
ATOM   528 C CD2 . LEU A 1 89 ? -6.356  -0.366  -3.746  1.00 43.41 ? 88  LEU A CD2 1 
ATOM   529 N N   . ASP A 1 90 ? -7.578  -1.289  1.075   1.00 35.44 ? 89  ASP A N   1 
ATOM   530 C CA  . ASP A 1 90 ? -6.590  -1.612  2.098   1.00 32.28 ? 89  ASP A CA  1 
ATOM   531 C C   . ASP A 1 90 ? -5.325  -2.147  1.439   1.00 31.23 ? 89  ASP A C   1 
ATOM   532 O O   . ASP A 1 90 ? -5.378  -3.122  0.683   1.00 30.26 ? 89  ASP A O   1 
ATOM   533 C CB  . ASP A 1 90 ? -7.158  -2.632  3.085   1.00 36.75 ? 89  ASP A CB  1 
ATOM   534 C CG  . ASP A 1 90 ? -8.216  -2.032  3.994   1.00 41.99 ? 89  ASP A CG  1 
ATOM   535 O OD1 . ASP A 1 90 ? -8.278  -0.791  4.092   1.00 41.45 ? 89  ASP A OD1 1 
ATOM   536 O OD2 . ASP A 1 90 ? -8.991  -2.802  4.601   1.00 49.53 ? 89  ASP A OD2 1 
ATOM   537 N N   . ILE A 1 91 ? -4.190  -1.508  1.716   1.00 29.07 ? 90  ILE A N   1 
ATOM   538 C CA  . ILE A 1 91 ? -2.892  -1.958  1.225   1.00 27.27 ? 90  ILE A CA  1 
ATOM   539 C C   . ILE A 1 91 ? -2.104  -2.484  2.417   1.00 32.91 ? 90  ILE A C   1 
ATOM   540 O O   . ILE A 1 91 ? -1.741  -1.720  3.321   1.00 28.53 ? 90  ILE A O   1 
ATOM   541 C CB  . ILE A 1 91 ? -2.126  -0.842  0.503   1.00 29.39 ? 90  ILE A CB  1 
ATOM   542 C CG1 . ILE A 1 91 ? -2.937  -0.317  -0.682  1.00 30.57 ? 90  ILE A CG1 1 
ATOM   543 C CG2 . ILE A 1 91 ? -0.767  -1.348  0.045   1.00 29.24 ? 90  ILE A CG2 1 
ATOM   544 C CD1 . ILE A 1 91 ? -2.276  0.825   -1.411  1.00 30.62 ? 90  ILE A CD1 1 
ATOM   545 N N   . ILE A 1 92 ? -1.833  -3.784  2.416   1.00 26.22 ? 91  ILE A N   1 
ATOM   546 C CA  . ILE A 1 92 ? -1.106  -4.422  3.507   1.00 28.11 ? 91  ILE A CA  1 
ATOM   547 C C   . ILE A 1 92 ? 0.391   -4.263  3.267   1.00 30.89 ? 91  ILE A C   1 
ATOM   548 O O   . ILE A 1 92 ? 0.881   -4.508  2.159   1.00 31.97 ? 91  ILE A O   1 
ATOM   549 C CB  . ILE A 1 92 ? -1.501  -5.902  3.625   1.00 32.66 ? 91  ILE A CB  1 
ATOM   550 C CG1 . ILE A 1 92 ? -2.944  -6.027  4.119   1.00 32.75 ? 91  ILE A CG1 1 
ATOM   551 C CG2 . ILE A 1 92 ? -0.559  -6.645  4.563   1.00 32.45 ? 91  ILE A CG2 1 
ATOM   552 C CD1 . ILE A 1 92 ? -3.809  -6.913  3.248   1.00 40.42 ? 91  ILE A CD1 1 
ATOM   553 N N   . TYR A 1 93 ? 1.120   -3.836  4.299   1.00 29.11 ? 92  TYR A N   1 
ATOM   554 C CA  . TYR A 1 93 ? 2.565   -3.685  4.211   1.00 30.71 ? 92  TYR A CA  1 
ATOM   555 C C   . TYR A 1 93 ? 3.268   -4.699  5.105   1.00 33.08 ? 92  TYR A C   1 
ATOM   556 O O   . TYR A 1 93 ? 2.788   -5.040  6.189   1.00 31.56 ? 92  TYR A O   1 
ATOM   557 C CB  . TYR A 1 93 ? 3.012   -2.266  4.586   1.00 30.50 ? 92  TYR A CB  1 
ATOM   558 C CG  . TYR A 1 93 ? 2.693   -1.844  6.004   1.00 30.01 ? 92  TYR A CG  1 
ATOM   559 C CD1 . TYR A 1 93 ? 1.469   -1.273  6.322   1.00 32.17 ? 92  TYR A CD1 1 
ATOM   560 C CD2 . TYR A 1 93 ? 3.623   -2.009  7.024   1.00 33.66 ? 92  TYR A CD2 1 
ATOM   561 C CE1 . TYR A 1 93 ? 1.178   -0.880  7.619   1.00 33.28 ? 92  TYR A CE1 1 
ATOM   562 C CE2 . TYR A 1 93 ? 3.341   -1.622  8.319   1.00 28.81 ? 92  TYR A CE2 1 
ATOM   563 C CZ  . TYR A 1 93 ? 2.122   -1.060  8.612   1.00 32.46 ? 92  TYR A CZ  1 
ATOM   564 O OH  . TYR A 1 93 ? 1.848   -0.677  9.904   1.00 37.97 ? 92  TYR A OH  1 
ATOM   565 N N   . GLN A 1 94 ? 4.424   -5.175  4.634   1.00 34.54 ? 93  GLN A N   1 
ATOM   566 C CA  . GLN A 1 94 ? 5.186   -6.214  5.309   1.00 39.18 ? 93  GLN A CA  1 
ATOM   567 C C   . GLN A 1 94 ? 6.674   -5.898  5.198   1.00 39.58 ? 93  GLN A C   1 
ATOM   568 O O   . GLN A 1 94 ? 7.163   -5.613  4.088   1.00 35.13 ? 93  GLN A O   1 
ATOM   569 C CB  . GLN A 1 94 ? 4.877   -7.587  4.702   1.00 39.32 ? 93  GLN A CB  1 
ATOM   570 C CG  . GLN A 1 94 ? 5.828   -8.699  5.115   1.00 45.60 ? 93  GLN A CG  1 
ATOM   571 C CD  . GLN A 1 94 ? 5.384   -10.061 4.608   1.00 49.35 ? 93  GLN A CD  1 
ATOM   572 O OE1 . GLN A 1 94 ? 4.749   -10.169 3.558   1.00 48.59 ? 93  GLN A OE1 1 
ATOM   573 N NE2 . GLN A 1 94 ? 5.717   -11.107 5.356   1.00 53.76 ? 93  GLN A NE2 1 
ATOM   574 N N   . PRO A 1 95 ? 7.414   -5.918  6.306   1.00 42.58 ? 94  PRO A N   1 
ATOM   575 C CA  . PRO A 1 95 ? 8.862   -5.697  6.224   1.00 40.86 ? 94  PRO A CA  1 
ATOM   576 C C   . PRO A 1 95 ? 9.562   -6.815  5.464   1.00 40.96 ? 94  PRO A C   1 
ATOM   577 O O   . PRO A 1 95 ? 9.194   -7.987  5.559   1.00 42.93 ? 94  PRO A O   1 
ATOM   578 C CB  . PRO A 1 95 ? 9.297   -5.655  7.695   1.00 45.13 ? 94  PRO A CB  1 
ATOM   579 C CG  . PRO A 1 95 ? 8.059   -5.239  8.428   1.00 45.25 ? 94  PRO A CG  1 
ATOM   580 C CD  . PRO A 1 95 ? 6.950   -5.952  7.702   1.00 45.68 ? 94  PRO A CD  1 
ATOM   581 N N   . GLN A 1 96 ? 10.576  -6.429  4.692   1.00 42.80 ? 95  GLN A N   1 
ATOM   582 C CA  . GLN A 1 96 ? 11.417  -7.358  3.952   1.00 44.39 ? 95  GLN A CA  1 
ATOM   583 C C   . GLN A 1 96 ? 12.853  -6.852  3.999   1.00 48.32 ? 95  GLN A C   1 
ATOM   584 O O   . GLN A 1 96 ? 13.136  -5.766  4.510   1.00 45.45 ? 95  GLN A O   1 
ATOM   585 C CB  . GLN A 1 96 ? 10.956  -7.522  2.497   1.00 47.04 ? 95  GLN A CB  1 
ATOM   586 C CG  . GLN A 1 96 ? 9.487   -7.875  2.335   1.00 48.46 ? 95  GLN A CG  1 
ATOM   587 C CD  . GLN A 1 96 ? 9.251   -8.960  1.303   1.00 56.43 ? 95  GLN A CD  1 
ATOM   588 O OE1 . GLN A 1 96 ? 9.872   -8.968  0.239   1.00 62.38 ? 95  GLN A OE1 1 
ATOM   589 N NE2 . GLN A 1 96 ? 8.341   -9.879  1.608   1.00 57.50 ? 95  GLN A NE2 1 
ATOM   590 N N   . ALA A 1 97 ? 13.766  -7.658  3.467   0.50 43.03 ? 96  ALA A N   1 
ATOM   591 C CA  . ALA A 1 97 ? 15.156  -7.239  3.325   0.50 42.89 ? 96  ALA A CA  1 
ATOM   592 C C   . ALA A 1 97 ? 15.516  -7.062  1.854   0.50 42.41 ? 96  ALA A C   1 
ATOM   593 O O   . ALA A 1 97 ? 15.027  -6.152  1.190   0.50 42.66 ? 96  ALA A O   1 
ATOM   594 C CB  . ALA A 1 97 ? 16.083  -8.237  3.974   0.50 44.06 ? 96  ALA A CB  1 
HETATM 595 X UNK . UNX B 2 .  ? 5.414   9.760   -2.560  0.50 39.41 ? 101 UNX A UNK 1 
HETATM 596 X UNK . UNX C 2 .  ? -0.739  -10.683 3.888   1.00 30.44 ? 102 UNX A UNK 1 
HETATM 597 X UNK . UNX D 2 .  ? 12.568  2.032   15.645  1.00 49.62 ? 103 UNX A UNK 1 
HETATM 598 X UNK . UNX E 2 .  ? -15.552 2.322   -7.472  1.00 52.68 ? 104 UNX A UNK 1 
HETATM 599 O O   . HOH F 3 .  ? -2.917  4.787   5.631   1.00 35.72 ? 201 HOH A O   1 
HETATM 600 O O   . HOH F 3 .  ? -3.209  -11.421 9.855   1.00 32.10 ? 202 HOH A O   1 
HETATM 601 O O   . HOH F 3 .  ? 3.148   -5.735  8.746   1.00 35.22 ? 203 HOH A O   1 
HETATM 602 O O   . HOH F 3 .  ? -9.103  -3.330  0.080   1.00 43.80 ? 204 HOH A O   1 
HETATM 603 O O   . HOH F 3 .  ? 10.117  4.737   9.511   1.00 45.42 ? 205 HOH A O   1 
HETATM 604 O O   . HOH F 3 .  ? -19.322 1.308   -5.132  1.00 50.20 ? 206 HOH A O   1 
HETATM 605 O O   . HOH F 3 .  ? 5.796   -4.818  -2.837  1.00 33.98 ? 207 HOH A O   1 
HETATM 606 O O   . HOH F 3 .  ? -4.621  10.364  5.512   1.00 45.41 ? 208 HOH A O   1 
HETATM 607 O O   . HOH F 3 .  ? 3.500   -0.807  -14.211 1.00 51.61 ? 209 HOH A O   1 
HETATM 608 O O   . HOH F 3 .  ? 11.386  4.417   -1.439  1.00 43.38 ? 210 HOH A O   1 
HETATM 609 O O   . HOH F 3 .  ? 8.878   -5.295  -7.012  1.00 50.71 ? 211 HOH A O   1 
HETATM 610 O O   . HOH F 3 .  ? 9.285   0.597   -7.376  1.00 42.12 ? 212 HOH A O   1 
HETATM 611 O O   . HOH F 3 .  ? 11.443  7.167   8.413   1.00 45.90 ? 213 HOH A O   1 
# 
loop_
_pdbx_poly_seq_scheme.asym_id 
_pdbx_poly_seq_scheme.entity_id 
_pdbx_poly_seq_scheme.seq_id 
_pdbx_poly_seq_scheme.mon_id 
_pdbx_poly_seq_scheme.ndb_seq_num 
_pdbx_poly_seq_scheme.pdb_seq_num 
_pdbx_poly_seq_scheme.auth_seq_num 
_pdbx_poly_seq_scheme.pdb_mon_id 
_pdbx_poly_seq_scheme.auth_mon_id 
_pdbx_poly_seq_scheme.pdb_strand_id 
_pdbx_poly_seq_scheme.pdb_ins_code 
_pdbx_poly_seq_scheme.hetero 
A 1 1  GLY 1  0  ?  ?   ?   A . n 
A 1 2  MET 2  1  ?  ?   ?   A . n 
A 1 3  ALA 3  2  ?  ?   ?   A . n 
A 1 4  ALA 4  3  ?  ?   ?   A . n 
A 1 5  ALA 5  4  ?  ?   ?   A . n 
A 1 6  VAL 6  5  ?  ?   ?   A . n 
A 1 7  ALA 7  6  ?  ?   ?   A . n 
A 1 8  ASP 8  7  ?  ?   ?   A . n 
A 1 9  GLU 9  8  ?  ?   ?   A . n 
A 1 10 ALA 10 9  ?  ?   ?   A . n 
A 1 11 VAL 11 10 ?  ?   ?   A . n 
A 1 12 ALA 12 11 ?  ?   ?   A . n 
A 1 13 ARG 13 12 ?  ?   ?   A . n 
A 1 14 ASP 14 13 ?  ?   ?   A . n 
A 1 15 VAL 15 14 ?  ?   ?   A . n 
A 1 16 GLN 16 15 15 GLN GLN A . n 
A 1 17 ARG 17 16 16 ARG ARG A . n 
A 1 18 LEU 18 17 17 LEU LEU A . n 
A 1 19 LEU 19 18 18 LEU LEU A . n 
A 1 20 VAL 20 19 19 VAL VAL A . n 
A 1 21 GLN 21 20 20 GLN GLN A . n 
A 1 22 PHE 22 21 21 PHE PHE A . n 
A 1 23 GLN 23 22 22 GLN GLN A . n 
A 1 24 ASP 24 23 23 ASP ASP A . n 
A 1 25 GLU 25 24 24 GLU GLU A . n 
A 1 26 GLY 26 25 25 GLY GLY A . n 
A 1 27 GLY 27 26 26 GLY GLY A . n 
A 1 28 GLN 28 27 27 GLN GLN A . n 
A 1 29 LEU 29 28 28 LEU LEU A . n 
A 1 30 LEU 30 29 29 LEU LEU A . n 
A 1 31 GLY 31 30 30 GLY GLY A . n 
A 1 32 SER 32 31 31 SER SER A . n 
A 1 33 PRO 33 32 32 PRO PRO A . n 
A 1 34 PHE 34 33 33 PHE PHE A . n 
A 1 35 ASP 35 34 34 ASP ASP A . n 
A 1 36 VAL 36 35 35 VAL VAL A . n 
A 1 37 PRO 37 36 36 PRO PRO A . n 
A 1 38 VAL 38 37 37 VAL VAL A . n 
A 1 39 ASP 39 38 38 ASP ASP A . n 
A 1 40 ILE 40 39 39 ILE ILE A . n 
A 1 41 THR 41 40 40 THR THR A . n 
A 1 42 PRO 42 41 41 PRO PRO A . n 
A 1 43 ASP 43 42 42 ASP ASP A . n 
A 1 44 ARG 44 43 43 ARG ARG A . n 
A 1 45 LEU 45 44 44 LEU LEU A . n 
A 1 46 GLN 46 45 45 GLN GLN A . n 
A 1 47 LEU 47 46 46 LEU LEU A . n 
A 1 48 VAL 48 47 47 VAL VAL A . n 
A 1 49 CYS 49 48 48 CYS CYS A . n 
A 1 50 ASN 50 49 49 ASN ASN A . n 
A 1 51 ALA 51 50 50 ALA ALA A . n 
A 1 52 LEU 52 51 51 LEU LEU A . n 
A 1 53 LEU 53 52 52 LEU LEU A . n 
A 1 54 ALA 54 53 53 ALA ALA A . n 
A 1 55 GLN 55 54 54 GLN GLN A . n 
A 1 56 GLU 56 55 55 GLU GLU A . n 
A 1 57 ASP 57 56 56 ASP ASP A . n 
A 1 58 PRO 58 57 57 PRO PRO A . n 
A 1 59 LEU 59 58 58 LEU LEU A . n 
A 1 60 PRO 60 59 59 PRO PRO A . n 
A 1 61 LEU 61 60 60 LEU LEU A . n 
A 1 62 ALA 62 61 61 ALA ALA A . n 
A 1 63 PHE 63 62 62 PHE PHE A . n 
A 1 64 PHE 64 63 63 PHE PHE A . n 
A 1 65 VAL 65 64 64 VAL VAL A . n 
A 1 66 HIS 66 65 65 HIS HIS A . n 
A 1 67 ASP 67 66 66 ASP ASP A . n 
A 1 68 ALA 68 67 67 ALA ALA A . n 
A 1 69 GLU 69 68 68 GLU GLU A . n 
A 1 70 ILE 70 69 69 ILE ILE A . n 
A 1 71 VAL 71 70 70 VAL VAL A . n 
A 1 72 SER 72 71 71 SER SER A . n 
A 1 73 SER 73 72 72 SER SER A . n 
A 1 74 LEU 74 73 73 LEU LEU A . n 
A 1 75 GLY 75 74 74 GLY GLY A . n 
A 1 76 LYS 76 75 75 LYS LYS A . n 
A 1 77 THR 77 76 76 THR THR A . n 
A 1 78 LEU 78 77 77 LEU LEU A . n 
A 1 79 GLU 79 78 78 GLU GLU A . n 
A 1 80 SER 80 79 79 SER SER A . n 
A 1 81 GLN 81 80 80 GLN GLN A . n 
A 1 82 ALA 82 81 81 ALA ALA A . n 
A 1 83 VAL 83 82 ?  ?   ?   A . n 
A 1 84 GLU 84 83 83 GLU GLU A . n 
A 1 85 THR 85 84 84 THR THR A . n 
A 1 86 GLU 86 85 85 GLU GLU A . n 
A 1 87 LYS 87 86 86 LYS LYS A . n 
A 1 88 VAL 88 87 87 VAL VAL A . n 
A 1 89 LEU 89 88 88 LEU LEU A . n 
A 1 90 ASP 90 89 89 ASP ASP A . n 
A 1 91 ILE 91 90 90 ILE ILE A . n 
A 1 92 ILE 92 91 91 ILE ILE A . n 
A 1 93 TYR 93 92 92 TYR TYR A . n 
A 1 94 GLN 94 93 93 GLN GLN A . n 
A 1 95 PRO 95 94 94 PRO PRO A . n 
A 1 96 GLN 96 95 95 GLN GLN A . n 
A 1 97 ALA 97 96 96 ALA ALA A . n 
A 1 98 ILE 98 97 ?  ?   ?   A . n 
# 
_pdbx_SG_project.id                    1 
_pdbx_SG_project.project_name          ? 
_pdbx_SG_project.full_name_of_center   'Structural Genomics Consortium' 
_pdbx_SG_project.initial_of_center     SGC 
# 
loop_
_pdbx_nonpoly_scheme.asym_id 
_pdbx_nonpoly_scheme.entity_id 
_pdbx_nonpoly_scheme.mon_id 
_pdbx_nonpoly_scheme.ndb_seq_num 
_pdbx_nonpoly_scheme.pdb_seq_num 
_pdbx_nonpoly_scheme.auth_seq_num 
_pdbx_nonpoly_scheme.pdb_mon_id 
_pdbx_nonpoly_scheme.auth_mon_id 
_pdbx_nonpoly_scheme.pdb_strand_id 
_pdbx_nonpoly_scheme.pdb_ins_code 
B 2 UNX 1  101 1  UNX UNX A . 
C 2 UNX 1  102 2  UNX UNX A . 
D 2 UNX 1  103 3  UNX UNX A . 
E 2 UNX 1  104 4  UNX UNX A . 
F 3 HOH 1  201 3  HOH HOH A . 
F 3 HOH 2  202 2  HOH HOH A . 
F 3 HOH 3  203 4  HOH HOH A . 
F 3 HOH 4  204 6  HOH HOH A . 
F 3 HOH 5  205 10 HOH HOH A . 
F 3 HOH 6  206 14 HOH HOH A . 
F 3 HOH 7  207 7  HOH HOH A . 
F 3 HOH 8  208 5  HOH HOH A . 
F 3 HOH 9  209 13 HOH HOH A . 
F 3 HOH 10 210 9  HOH HOH A . 
F 3 HOH 11 211 12 HOH HOH A . 
F 3 HOH 12 212 8  HOH HOH A . 
F 3 HOH 13 213 11 HOH HOH A . 
# 
_pdbx_struct_assembly.id                   1 
_pdbx_struct_assembly.details              author_and_software_defined_assembly 
_pdbx_struct_assembly.method_details       PISA 
_pdbx_struct_assembly.oligomeric_details   monomeric 
_pdbx_struct_assembly.oligomeric_count     1 
# 
_pdbx_struct_assembly_gen.assembly_id       1 
_pdbx_struct_assembly_gen.oper_expression   1 
_pdbx_struct_assembly_gen.asym_id_list      A,B,C,D,E,F 
# 
loop_
_pdbx_struct_assembly_prop.biol_id 
_pdbx_struct_assembly_prop.type 
_pdbx_struct_assembly_prop.value 
_pdbx_struct_assembly_prop.details 
1 'ABSA (A^2)' 0    ? 
1 MORE         0    ? 
1 'SSA (A^2)'  4950 ? 
# 
_pdbx_struct_oper_list.id                   1 
_pdbx_struct_oper_list.type                 'identity operation' 
_pdbx_struct_oper_list.name                 1_555 
_pdbx_struct_oper_list.symmetry_operation   x,y,z 
_pdbx_struct_oper_list.matrix[1][1]         1.0000000000 
_pdbx_struct_oper_list.matrix[1][2]         0.0000000000 
_pdbx_struct_oper_list.matrix[1][3]         0.0000000000 
_pdbx_struct_oper_list.vector[1]            0.0000000000 
_pdbx_struct_oper_list.matrix[2][1]         0.0000000000 
_pdbx_struct_oper_list.matrix[2][2]         1.0000000000 
_pdbx_struct_oper_list.matrix[2][3]         0.0000000000 
_pdbx_struct_oper_list.vector[2]            0.0000000000 
_pdbx_struct_oper_list.matrix[3][1]         0.0000000000 
_pdbx_struct_oper_list.matrix[3][2]         0.0000000000 
_pdbx_struct_oper_list.matrix[3][3]         1.0000000000 
_pdbx_struct_oper_list.vector[3]            0.0000000000 
# 
_pdbx_struct_special_symmetry.id              1 
_pdbx_struct_special_symmetry.PDB_model_num   1 
_pdbx_struct_special_symmetry.auth_asym_id    A 
_pdbx_struct_special_symmetry.auth_comp_id    UNX 
_pdbx_struct_special_symmetry.auth_seq_id     101 
_pdbx_struct_special_symmetry.PDB_ins_code    ? 
_pdbx_struct_special_symmetry.label_asym_id   B 
_pdbx_struct_special_symmetry.label_comp_id   UNX 
_pdbx_struct_special_symmetry.label_seq_id    . 
# 
loop_
_pdbx_audit_revision_history.ordinal 
_pdbx_audit_revision_history.data_content_type 
_pdbx_audit_revision_history.major_revision 
_pdbx_audit_revision_history.minor_revision 
_pdbx_audit_revision_history.revision_date 
1 'Structure model' 1 0 2020-04-22 
2 'Structure model' 1 1 2023-10-18 
# 
_pdbx_audit_revision_details.ordinal             1 
_pdbx_audit_revision_details.revision_ordinal    1 
_pdbx_audit_revision_details.data_content_type   'Structure model' 
_pdbx_audit_revision_details.provider            repository 
_pdbx_audit_revision_details.type                'Initial release' 
_pdbx_audit_revision_details.description         ? 
_pdbx_audit_revision_details.details             ? 
# 
loop_
_pdbx_audit_revision_group.ordinal 
_pdbx_audit_revision_group.revision_ordinal 
_pdbx_audit_revision_group.data_content_type 
_pdbx_audit_revision_group.group 
1 2 'Structure model' 'Data collection'        
2 2 'Structure model' 'Database references'    
3 2 'Structure model' 'Refinement description' 
# 
loop_
_pdbx_audit_revision_category.ordinal 
_pdbx_audit_revision_category.revision_ordinal 
_pdbx_audit_revision_category.data_content_type 
_pdbx_audit_revision_category.category 
1 2 'Structure model' chem_comp_atom                
2 2 'Structure model' chem_comp_bond                
3 2 'Structure model' database_2                    
4 2 'Structure model' pdbx_initial_refinement_model 
# 
loop_
_pdbx_audit_revision_item.ordinal 
_pdbx_audit_revision_item.revision_ordinal 
_pdbx_audit_revision_item.data_content_type 
_pdbx_audit_revision_item.item 
1 2 'Structure model' '_database_2.pdbx_DOI'                
2 2 'Structure model' '_database_2.pdbx_database_accession' 
# 
_pdbx_phasing_MR.entry_id                     6WAJ 
_pdbx_phasing_MR.method_rotation              ? 
_pdbx_phasing_MR.method_translation           ? 
_pdbx_phasing_MR.model_details                'Phaser MODE: MR_AUTO' 
_pdbx_phasing_MR.R_factor                     ? 
_pdbx_phasing_MR.R_rigid_body                 ? 
_pdbx_phasing_MR.correlation_coeff_Fo_to_Fc   ? 
_pdbx_phasing_MR.correlation_coeff_Io_to_Ic   ? 
_pdbx_phasing_MR.d_res_high_rotation          2.500 
_pdbx_phasing_MR.d_res_low_rotation           34.190 
_pdbx_phasing_MR.d_res_high_translation       2.500 
_pdbx_phasing_MR.d_res_low_translation        34.190 
_pdbx_phasing_MR.packing                      ? 
_pdbx_phasing_MR.reflns_percent_rotation      ? 
_pdbx_phasing_MR.reflns_percent_translation   ? 
_pdbx_phasing_MR.sigma_F_rotation             ? 
_pdbx_phasing_MR.sigma_F_translation          ? 
_pdbx_phasing_MR.sigma_I_rotation             ? 
_pdbx_phasing_MR.sigma_I_translation          ? 
# 
_phasing.method   MR 
# 
loop_
_software.citation_id 
_software.classification 
_software.compiler_name 
_software.compiler_version 
_software.contact_author 
_software.contact_author_email 
_software.date 
_software.description 
_software.dependencies 
_software.hardware 
_software.language 
_software.location 
_software.mods 
_software.name 
_software.os 
_software.os_version 
_software.type 
_software.version 
_software.pdbx_ordinal 
? refinement        ? ? ? ? ? ? ? ? ? ? ? PHENIX      ? ? ? 1.17.1 1 
? 'data reduction'  ? ? ? ? ? ? ? ? ? ? ? XDS         ? ? ? .      2 
? 'data scaling'    ? ? ? ? ? ? ? ? ? ? ? Aimless     ? ? ? 0.7.4  3 
? phasing           ? ? ? ? ? ? ? ? ? ? ? PHASER      ? ? ? 2.8.3  4 
? 'data extraction' ? ? ? ? ? ? ? ? ? ? ? PDB_EXTRACT ? ? ? 3.25   5 
# 
_pdbx_entry_details.entry_id                 6WAJ 
_pdbx_entry_details.has_ligand_of_interest   Y 
_pdbx_entry_details.compound_details         ? 
_pdbx_entry_details.source_details           ? 
_pdbx_entry_details.nonpolymer_details       ? 
_pdbx_entry_details.sequence_details         ? 
# 
_pdbx_validate_torsion.id              1 
_pdbx_validate_torsion.PDB_model_num   1 
_pdbx_validate_torsion.auth_comp_id    SER 
_pdbx_validate_torsion.auth_asym_id    A 
_pdbx_validate_torsion.auth_seq_id     71 
_pdbx_validate_torsion.PDB_ins_code    ? 
_pdbx_validate_torsion.label_alt_id    ? 
_pdbx_validate_torsion.phi             -126.43 
_pdbx_validate_torsion.psi             -55.91 
# 
loop_
_pdbx_unobs_or_zero_occ_atoms.id 
_pdbx_unobs_or_zero_occ_atoms.PDB_model_num 
_pdbx_unobs_or_zero_occ_atoms.polymer_flag 
_pdbx_unobs_or_zero_occ_atoms.occupancy_flag 
_pdbx_unobs_or_zero_occ_atoms.auth_asym_id 
_pdbx_unobs_or_zero_occ_atoms.auth_comp_id 
_pdbx_unobs_or_zero_occ_atoms.auth_seq_id 
_pdbx_unobs_or_zero_occ_atoms.PDB_ins_code 
_pdbx_unobs_or_zero_occ_atoms.auth_atom_id 
_pdbx_unobs_or_zero_occ_atoms.label_alt_id 
_pdbx_unobs_or_zero_occ_atoms.label_asym_id 
_pdbx_unobs_or_zero_occ_atoms.label_comp_id 
_pdbx_unobs_or_zero_occ_atoms.label_seq_id 
_pdbx_unobs_or_zero_occ_atoms.label_atom_id 
1  1 Y 1 A ASP 34 ? OD1 ? A ASP 35 OD1 
2  1 Y 1 A ASP 34 ? OD2 ? A ASP 35 OD2 
3  1 Y 1 A ASP 42 ? CG  ? A ASP 43 CG  
4  1 Y 1 A ASP 42 ? OD1 ? A ASP 43 OD1 
5  1 Y 1 A ASP 42 ? OD2 ? A ASP 43 OD2 
6  1 Y 1 A GLU 55 ? CG  ? A GLU 56 CG  
7  1 Y 1 A GLU 55 ? CD  ? A GLU 56 CD  
8  1 Y 1 A GLU 55 ? OE1 ? A GLU 56 OE1 
9  1 Y 1 A GLU 55 ? OE2 ? A GLU 56 OE2 
10 1 Y 1 A ASP 56 ? CG  ? A ASP 57 CG  
11 1 Y 1 A ASP 56 ? OD1 ? A ASP 57 OD1 
12 1 Y 1 A ASP 56 ? OD2 ? A ASP 57 OD2 
13 1 Y 1 A LYS 75 ? CD  ? A LYS 76 CD  
14 1 Y 1 A LYS 75 ? CE  ? A LYS 76 CE  
15 1 Y 1 A LYS 75 ? NZ  ? A LYS 76 NZ  
16 1 Y 1 A GLU 78 ? CG  ? A GLU 79 CG  
17 1 Y 1 A GLU 78 ? CD  ? A GLU 79 CD  
18 1 Y 1 A GLU 78 ? OE1 ? A GLU 79 OE1 
19 1 Y 1 A GLU 78 ? OE2 ? A GLU 79 OE2 
20 1 Y 1 A SER 79 ? OG  ? A SER 80 OG  
21 1 Y 1 A GLN 80 ? CG  ? A GLN 81 CG  
22 1 Y 1 A GLN 80 ? CD  ? A GLN 81 CD  
23 1 Y 1 A GLN 80 ? OE1 ? A GLN 81 OE1 
24 1 Y 1 A GLN 80 ? NE2 ? A GLN 81 NE2 
25 1 Y 1 A ALA 81 ? C   ? A ALA 82 C   
26 1 Y 1 A ALA 81 ? O   ? A ALA 82 O   
27 1 Y 1 A ALA 81 ? CB  ? A ALA 82 CB  
28 1 Y 1 A GLU 83 ? CG  ? A GLU 84 CG  
29 1 Y 1 A GLU 83 ? CD  ? A GLU 84 CD  
30 1 Y 1 A GLU 83 ? OE1 ? A GLU 84 OE1 
31 1 Y 1 A GLU 83 ? OE2 ? A GLU 84 OE2 
32 1 Y 1 A LYS 86 ? CG  ? A LYS 87 CG  
33 1 Y 1 A LYS 86 ? CD  ? A LYS 87 CD  
34 1 Y 1 A LYS 86 ? CE  ? A LYS 87 CE  
35 1 Y 1 A LYS 86 ? NZ  ? A LYS 87 NZ  
# 
loop_
_pdbx_unobs_or_zero_occ_residues.id 
_pdbx_unobs_or_zero_occ_residues.PDB_model_num 
_pdbx_unobs_or_zero_occ_residues.polymer_flag 
_pdbx_unobs_or_zero_occ_residues.occupancy_flag 
_pdbx_unobs_or_zero_occ_residues.auth_asym_id 
_pdbx_unobs_or_zero_occ_residues.auth_comp_id 
_pdbx_unobs_or_zero_occ_residues.auth_seq_id 
_pdbx_unobs_or_zero_occ_residues.PDB_ins_code 
_pdbx_unobs_or_zero_occ_residues.label_asym_id 
_pdbx_unobs_or_zero_occ_residues.label_comp_id 
_pdbx_unobs_or_zero_occ_residues.label_seq_id 
1  1 Y 1 A GLY 0  ? A GLY 1  
2  1 Y 1 A MET 1  ? A MET 2  
3  1 Y 1 A ALA 2  ? A ALA 3  
4  1 Y 1 A ALA 3  ? A ALA 4  
5  1 Y 1 A ALA 4  ? A ALA 5  
6  1 Y 1 A VAL 5  ? A VAL 6  
7  1 Y 1 A ALA 6  ? A ALA 7  
8  1 Y 1 A ASP 7  ? A ASP 8  
9  1 Y 1 A GLU 8  ? A GLU 9  
10 1 Y 1 A ALA 9  ? A ALA 10 
11 1 Y 1 A VAL 10 ? A VAL 11 
12 1 Y 1 A ALA 11 ? A ALA 12 
13 1 Y 1 A ARG 12 ? A ARG 13 
14 1 Y 1 A ASP 13 ? A ASP 14 
15 1 Y 1 A VAL 14 ? A VAL 15 
16 1 Y 1 A VAL 82 ? A VAL 83 
17 1 Y 1 A ILE 97 ? A ILE 98 
# 
loop_
_chem_comp_atom.comp_id 
_chem_comp_atom.atom_id 
_chem_comp_atom.type_symbol 
_chem_comp_atom.pdbx_aromatic_flag 
_chem_comp_atom.pdbx_stereo_config 
_chem_comp_atom.pdbx_ordinal 
ALA N    N N N 1   
ALA CA   C N S 2   
ALA C    C N N 3   
ALA O    O N N 4   
ALA CB   C N N 5   
ALA OXT  O N N 6   
ALA H    H N N 7   
ALA H2   H N N 8   
ALA HA   H N N 9   
ALA HB1  H N N 10  
ALA HB2  H N N 11  
ALA HB3  H N N 12  
ALA HXT  H N N 13  
ARG N    N N N 14  
ARG CA   C N S 15  
ARG C    C N N 16  
ARG O    O N N 17  
ARG CB   C N N 18  
ARG CG   C N N 19  
ARG CD   C N N 20  
ARG NE   N N N 21  
ARG CZ   C N N 22  
ARG NH1  N N N 23  
ARG NH2  N N N 24  
ARG OXT  O N N 25  
ARG H    H N N 26  
ARG H2   H N N 27  
ARG HA   H N N 28  
ARG HB2  H N N 29  
ARG HB3  H N N 30  
ARG HG2  H N N 31  
ARG HG3  H N N 32  
ARG HD2  H N N 33  
ARG HD3  H N N 34  
ARG HE   H N N 35  
ARG HH11 H N N 36  
ARG HH12 H N N 37  
ARG HH21 H N N 38  
ARG HH22 H N N 39  
ARG HXT  H N N 40  
ASN N    N N N 41  
ASN CA   C N S 42  
ASN C    C N N 43  
ASN O    O N N 44  
ASN CB   C N N 45  
ASN CG   C N N 46  
ASN OD1  O N N 47  
ASN ND2  N N N 48  
ASN OXT  O N N 49  
ASN H    H N N 50  
ASN H2   H N N 51  
ASN HA   H N N 52  
ASN HB2  H N N 53  
ASN HB3  H N N 54  
ASN HD21 H N N 55  
ASN HD22 H N N 56  
ASN HXT  H N N 57  
ASP N    N N N 58  
ASP CA   C N S 59  
ASP C    C N N 60  
ASP O    O N N 61  
ASP CB   C N N 62  
ASP CG   C N N 63  
ASP OD1  O N N 64  
ASP OD2  O N N 65  
ASP OXT  O N N 66  
ASP H    H N N 67  
ASP H2   H N N 68  
ASP HA   H N N 69  
ASP HB2  H N N 70  
ASP HB3  H N N 71  
ASP HD2  H N N 72  
ASP HXT  H N N 73  
CYS N    N N N 74  
CYS CA   C N R 75  
CYS C    C N N 76  
CYS O    O N N 77  
CYS CB   C N N 78  
CYS SG   S N N 79  
CYS OXT  O N N 80  
CYS H    H N N 81  
CYS H2   H N N 82  
CYS HA   H N N 83  
CYS HB2  H N N 84  
CYS HB3  H N N 85  
CYS HG   H N N 86  
CYS HXT  H N N 87  
GLN N    N N N 88  
GLN CA   C N S 89  
GLN C    C N N 90  
GLN O    O N N 91  
GLN CB   C N N 92  
GLN CG   C N N 93  
GLN CD   C N N 94  
GLN OE1  O N N 95  
GLN NE2  N N N 96  
GLN OXT  O N N 97  
GLN H    H N N 98  
GLN H2   H N N 99  
GLN HA   H N N 100 
GLN HB2  H N N 101 
GLN HB3  H N N 102 
GLN HG2  H N N 103 
GLN HG3  H N N 104 
GLN HE21 H N N 105 
GLN HE22 H N N 106 
GLN HXT  H N N 107 
GLU N    N N N 108 
GLU CA   C N S 109 
GLU C    C N N 110 
GLU O    O N N 111 
GLU CB   C N N 112 
GLU CG   C N N 113 
GLU CD   C N N 114 
GLU OE1  O N N 115 
GLU OE2  O N N 116 
GLU OXT  O N N 117 
GLU H    H N N 118 
GLU H2   H N N 119 
GLU HA   H N N 120 
GLU HB2  H N N 121 
GLU HB3  H N N 122 
GLU HG2  H N N 123 
GLU HG3  H N N 124 
GLU HE2  H N N 125 
GLU HXT  H N N 126 
GLY N    N N N 127 
GLY CA   C N N 128 
GLY C    C N N 129 
GLY O    O N N 130 
GLY OXT  O N N 131 
GLY H    H N N 132 
GLY H2   H N N 133 
GLY HA2  H N N 134 
GLY HA3  H N N 135 
GLY HXT  H N N 136 
HIS N    N N N 137 
HIS CA   C N S 138 
HIS C    C N N 139 
HIS O    O N N 140 
HIS CB   C N N 141 
HIS CG   C Y N 142 
HIS ND1  N Y N 143 
HIS CD2  C Y N 144 
HIS CE1  C Y N 145 
HIS NE2  N Y N 146 
HIS OXT  O N N 147 
HIS H    H N N 148 
HIS H2   H N N 149 
HIS HA   H N N 150 
HIS HB2  H N N 151 
HIS HB3  H N N 152 
HIS HD1  H N N 153 
HIS HD2  H N N 154 
HIS HE1  H N N 155 
HIS HE2  H N N 156 
HIS HXT  H N N 157 
HOH O    O N N 158 
HOH H1   H N N 159 
HOH H2   H N N 160 
ILE N    N N N 161 
ILE CA   C N S 162 
ILE C    C N N 163 
ILE O    O N N 164 
ILE CB   C N S 165 
ILE CG1  C N N 166 
ILE CG2  C N N 167 
ILE CD1  C N N 168 
ILE OXT  O N N 169 
ILE H    H N N 170 
ILE H2   H N N 171 
ILE HA   H N N 172 
ILE HB   H N N 173 
ILE HG12 H N N 174 
ILE HG13 H N N 175 
ILE HG21 H N N 176 
ILE HG22 H N N 177 
ILE HG23 H N N 178 
ILE HD11 H N N 179 
ILE HD12 H N N 180 
ILE HD13 H N N 181 
ILE HXT  H N N 182 
LEU N    N N N 183 
LEU CA   C N S 184 
LEU C    C N N 185 
LEU O    O N N 186 
LEU CB   C N N 187 
LEU CG   C N N 188 
LEU CD1  C N N 189 
LEU CD2  C N N 190 
LEU OXT  O N N 191 
LEU H    H N N 192 
LEU H2   H N N 193 
LEU HA   H N N 194 
LEU HB2  H N N 195 
LEU HB3  H N N 196 
LEU HG   H N N 197 
LEU HD11 H N N 198 
LEU HD12 H N N 199 
LEU HD13 H N N 200 
LEU HD21 H N N 201 
LEU HD22 H N N 202 
LEU HD23 H N N 203 
LEU HXT  H N N 204 
LYS N    N N N 205 
LYS CA   C N S 206 
LYS C    C N N 207 
LYS O    O N N 208 
LYS CB   C N N 209 
LYS CG   C N N 210 
LYS CD   C N N 211 
LYS CE   C N N 212 
LYS NZ   N N N 213 
LYS OXT  O N N 214 
LYS H    H N N 215 
LYS H2   H N N 216 
LYS HA   H N N 217 
LYS HB2  H N N 218 
LYS HB3  H N N 219 
LYS HG2  H N N 220 
LYS HG3  H N N 221 
LYS HD2  H N N 222 
LYS HD3  H N N 223 
LYS HE2  H N N 224 
LYS HE3  H N N 225 
LYS HZ1  H N N 226 
LYS HZ2  H N N 227 
LYS HZ3  H N N 228 
LYS HXT  H N N 229 
MET N    N N N 230 
MET CA   C N S 231 
MET C    C N N 232 
MET O    O N N 233 
MET CB   C N N 234 
MET CG   C N N 235 
MET SD   S N N 236 
MET CE   C N N 237 
MET OXT  O N N 238 
MET H    H N N 239 
MET H2   H N N 240 
MET HA   H N N 241 
MET HB2  H N N 242 
MET HB3  H N N 243 
MET HG2  H N N 244 
MET HG3  H N N 245 
MET HE1  H N N 246 
MET HE2  H N N 247 
MET HE3  H N N 248 
MET HXT  H N N 249 
PHE N    N N N 250 
PHE CA   C N S 251 
PHE C    C N N 252 
PHE O    O N N 253 
PHE CB   C N N 254 
PHE CG   C Y N 255 
PHE CD1  C Y N 256 
PHE CD2  C Y N 257 
PHE CE1  C Y N 258 
PHE CE2  C Y N 259 
PHE CZ   C Y N 260 
PHE OXT  O N N 261 
PHE H    H N N 262 
PHE H2   H N N 263 
PHE HA   H N N 264 
PHE HB2  H N N 265 
PHE HB3  H N N 266 
PHE HD1  H N N 267 
PHE HD2  H N N 268 
PHE HE1  H N N 269 
PHE HE2  H N N 270 
PHE HZ   H N N 271 
PHE HXT  H N N 272 
PRO N    N N N 273 
PRO CA   C N S 274 
PRO C    C N N 275 
PRO O    O N N 276 
PRO CB   C N N 277 
PRO CG   C N N 278 
PRO CD   C N N 279 
PRO OXT  O N N 280 
PRO H    H N N 281 
PRO HA   H N N 282 
PRO HB2  H N N 283 
PRO HB3  H N N 284 
PRO HG2  H N N 285 
PRO HG3  H N N 286 
PRO HD2  H N N 287 
PRO HD3  H N N 288 
PRO HXT  H N N 289 
SER N    N N N 290 
SER CA   C N S 291 
SER C    C N N 292 
SER O    O N N 293 
SER CB   C N N 294 
SER OG   O N N 295 
SER OXT  O N N 296 
SER H    H N N 297 
SER H2   H N N 298 
SER HA   H N N 299 
SER HB2  H N N 300 
SER HB3  H N N 301 
SER HG   H N N 302 
SER HXT  H N N 303 
THR N    N N N 304 
THR CA   C N S 305 
THR C    C N N 306 
THR O    O N N 307 
THR CB   C N R 308 
THR OG1  O N N 309 
THR CG2  C N N 310 
THR OXT  O N N 311 
THR H    H N N 312 
THR H2   H N N 313 
THR HA   H N N 314 
THR HB   H N N 315 
THR HG1  H N N 316 
THR HG21 H N N 317 
THR HG22 H N N 318 
THR HG23 H N N 319 
THR HXT  H N N 320 
TYR N    N N N 321 
TYR CA   C N S 322 
TYR C    C N N 323 
TYR O    O N N 324 
TYR CB   C N N 325 
TYR CG   C Y N 326 
TYR CD1  C Y N 327 
TYR CD2  C Y N 328 
TYR CE1  C Y N 329 
TYR CE2  C Y N 330 
TYR CZ   C Y N 331 
TYR OH   O N N 332 
TYR OXT  O N N 333 
TYR H    H N N 334 
TYR H2   H N N 335 
TYR HA   H N N 336 
TYR HB2  H N N 337 
TYR HB3  H N N 338 
TYR HD1  H N N 339 
TYR HD2  H N N 340 
TYR HE1  H N N 341 
TYR HE2  H N N 342 
TYR HH   H N N 343 
TYR HXT  H N N 344 
VAL N    N N N 345 
VAL CA   C N S 346 
VAL C    C N N 347 
VAL O    O N N 348 
VAL CB   C N N 349 
VAL CG1  C N N 350 
VAL CG2  C N N 351 
VAL OXT  O N N 352 
VAL H    H N N 353 
VAL H2   H N N 354 
VAL HA   H N N 355 
VAL HB   H N N 356 
VAL HG11 H N N 357 
VAL HG12 H N N 358 
VAL HG13 H N N 359 
VAL HG21 H N N 360 
VAL HG22 H N N 361 
VAL HG23 H N N 362 
VAL HXT  H N N 363 
# 
loop_
_chem_comp_bond.comp_id 
_chem_comp_bond.atom_id_1 
_chem_comp_bond.atom_id_2 
_chem_comp_bond.value_order 
_chem_comp_bond.pdbx_aromatic_flag 
_chem_comp_bond.pdbx_stereo_config 
_chem_comp_bond.pdbx_ordinal 
ALA N   CA   sing N N 1   
ALA N   H    sing N N 2   
ALA N   H2   sing N N 3   
ALA CA  C    sing N N 4   
ALA CA  CB   sing N N 5   
ALA CA  HA   sing N N 6   
ALA C   O    doub N N 7   
ALA C   OXT  sing N N 8   
ALA CB  HB1  sing N N 9   
ALA CB  HB2  sing N N 10  
ALA CB  HB3  sing N N 11  
ALA OXT HXT  sing N N 12  
ARG N   CA   sing N N 13  
ARG N   H    sing N N 14  
ARG N   H2   sing N N 15  
ARG CA  C    sing N N 16  
ARG CA  CB   sing N N 17  
ARG CA  HA   sing N N 18  
ARG C   O    doub N N 19  
ARG C   OXT  sing N N 20  
ARG CB  CG   sing N N 21  
ARG CB  HB2  sing N N 22  
ARG CB  HB3  sing N N 23  
ARG CG  CD   sing N N 24  
ARG CG  HG2  sing N N 25  
ARG CG  HG3  sing N N 26  
ARG CD  NE   sing N N 27  
ARG CD  HD2  sing N N 28  
ARG CD  HD3  sing N N 29  
ARG NE  CZ   sing N N 30  
ARG NE  HE   sing N N 31  
ARG CZ  NH1  sing N N 32  
ARG CZ  NH2  doub N N 33  
ARG NH1 HH11 sing N N 34  
ARG NH1 HH12 sing N N 35  
ARG NH2 HH21 sing N N 36  
ARG NH2 HH22 sing N N 37  
ARG OXT HXT  sing N N 38  
ASN N   CA   sing N N 39  
ASN N   H    sing N N 40  
ASN N   H2   sing N N 41  
ASN CA  C    sing N N 42  
ASN CA  CB   sing N N 43  
ASN CA  HA   sing N N 44  
ASN C   O    doub N N 45  
ASN C   OXT  sing N N 46  
ASN CB  CG   sing N N 47  
ASN CB  HB2  sing N N 48  
ASN CB  HB3  sing N N 49  
ASN CG  OD1  doub N N 50  
ASN CG  ND2  sing N N 51  
ASN ND2 HD21 sing N N 52  
ASN ND2 HD22 sing N N 53  
ASN OXT HXT  sing N N 54  
ASP N   CA   sing N N 55  
ASP N   H    sing N N 56  
ASP N   H2   sing N N 57  
ASP CA  C    sing N N 58  
ASP CA  CB   sing N N 59  
ASP CA  HA   sing N N 60  
ASP C   O    doub N N 61  
ASP C   OXT  sing N N 62  
ASP CB  CG   sing N N 63  
ASP CB  HB2  sing N N 64  
ASP CB  HB3  sing N N 65  
ASP CG  OD1  doub N N 66  
ASP CG  OD2  sing N N 67  
ASP OD2 HD2  sing N N 68  
ASP OXT HXT  sing N N 69  
CYS N   CA   sing N N 70  
CYS N   H    sing N N 71  
CYS N   H2   sing N N 72  
CYS CA  C    sing N N 73  
CYS CA  CB   sing N N 74  
CYS CA  HA   sing N N 75  
CYS C   O    doub N N 76  
CYS C   OXT  sing N N 77  
CYS CB  SG   sing N N 78  
CYS CB  HB2  sing N N 79  
CYS CB  HB3  sing N N 80  
CYS SG  HG   sing N N 81  
CYS OXT HXT  sing N N 82  
GLN N   CA   sing N N 83  
GLN N   H    sing N N 84  
GLN N   H2   sing N N 85  
GLN CA  C    sing N N 86  
GLN CA  CB   sing N N 87  
GLN CA  HA   sing N N 88  
GLN C   O    doub N N 89  
GLN C   OXT  sing N N 90  
GLN CB  CG   sing N N 91  
GLN CB  HB2  sing N N 92  
GLN CB  HB3  sing N N 93  
GLN CG  CD   sing N N 94  
GLN CG  HG2  sing N N 95  
GLN CG  HG3  sing N N 96  
GLN CD  OE1  doub N N 97  
GLN CD  NE2  sing N N 98  
GLN NE2 HE21 sing N N 99  
GLN NE2 HE22 sing N N 100 
GLN OXT HXT  sing N N 101 
GLU N   CA   sing N N 102 
GLU N   H    sing N N 103 
GLU N   H2   sing N N 104 
GLU CA  C    sing N N 105 
GLU CA  CB   sing N N 106 
GLU CA  HA   sing N N 107 
GLU C   O    doub N N 108 
GLU C   OXT  sing N N 109 
GLU CB  CG   sing N N 110 
GLU CB  HB2  sing N N 111 
GLU CB  HB3  sing N N 112 
GLU CG  CD   sing N N 113 
GLU CG  HG2  sing N N 114 
GLU CG  HG3  sing N N 115 
GLU CD  OE1  doub N N 116 
GLU CD  OE2  sing N N 117 
GLU OE2 HE2  sing N N 118 
GLU OXT HXT  sing N N 119 
GLY N   CA   sing N N 120 
GLY N   H    sing N N 121 
GLY N   H2   sing N N 122 
GLY CA  C    sing N N 123 
GLY CA  HA2  sing N N 124 
GLY CA  HA3  sing N N 125 
GLY C   O    doub N N 126 
GLY C   OXT  sing N N 127 
GLY OXT HXT  sing N N 128 
HIS N   CA   sing N N 129 
HIS N   H    sing N N 130 
HIS N   H2   sing N N 131 
HIS CA  C    sing N N 132 
HIS CA  CB   sing N N 133 
HIS CA  HA   sing N N 134 
HIS C   O    doub N N 135 
HIS C   OXT  sing N N 136 
HIS CB  CG   sing N N 137 
HIS CB  HB2  sing N N 138 
HIS CB  HB3  sing N N 139 
HIS CG  ND1  sing Y N 140 
HIS CG  CD2  doub Y N 141 
HIS ND1 CE1  doub Y N 142 
HIS ND1 HD1  sing N N 143 
HIS CD2 NE2  sing Y N 144 
HIS CD2 HD2  sing N N 145 
HIS CE1 NE2  sing Y N 146 
HIS CE1 HE1  sing N N 147 
HIS NE2 HE2  sing N N 148 
HIS OXT HXT  sing N N 149 
HOH O   H1   sing N N 150 
HOH O   H2   sing N N 151 
ILE N   CA   sing N N 152 
ILE N   H    sing N N 153 
ILE N   H2   sing N N 154 
ILE CA  C    sing N N 155 
ILE CA  CB   sing N N 156 
ILE CA  HA   sing N N 157 
ILE C   O    doub N N 158 
ILE C   OXT  sing N N 159 
ILE CB  CG1  sing N N 160 
ILE CB  CG2  sing N N 161 
ILE CB  HB   sing N N 162 
ILE CG1 CD1  sing N N 163 
ILE CG1 HG12 sing N N 164 
ILE CG1 HG13 sing N N 165 
ILE CG2 HG21 sing N N 166 
ILE CG2 HG22 sing N N 167 
ILE CG2 HG23 sing N N 168 
ILE CD1 HD11 sing N N 169 
ILE CD1 HD12 sing N N 170 
ILE CD1 HD13 sing N N 171 
ILE OXT HXT  sing N N 172 
LEU N   CA   sing N N 173 
LEU N   H    sing N N 174 
LEU N   H2   sing N N 175 
LEU CA  C    sing N N 176 
LEU CA  CB   sing N N 177 
LEU CA  HA   sing N N 178 
LEU C   O    doub N N 179 
LEU C   OXT  sing N N 180 
LEU CB  CG   sing N N 181 
LEU CB  HB2  sing N N 182 
LEU CB  HB3  sing N N 183 
LEU CG  CD1  sing N N 184 
LEU CG  CD2  sing N N 185 
LEU CG  HG   sing N N 186 
LEU CD1 HD11 sing N N 187 
LEU CD1 HD12 sing N N 188 
LEU CD1 HD13 sing N N 189 
LEU CD2 HD21 sing N N 190 
LEU CD2 HD22 sing N N 191 
LEU CD2 HD23 sing N N 192 
LEU OXT HXT  sing N N 193 
LYS N   CA   sing N N 194 
LYS N   H    sing N N 195 
LYS N   H2   sing N N 196 
LYS CA  C    sing N N 197 
LYS CA  CB   sing N N 198 
LYS CA  HA   sing N N 199 
LYS C   O    doub N N 200 
LYS C   OXT  sing N N 201 
LYS CB  CG   sing N N 202 
LYS CB  HB2  sing N N 203 
LYS CB  HB3  sing N N 204 
LYS CG  CD   sing N N 205 
LYS CG  HG2  sing N N 206 
LYS CG  HG3  sing N N 207 
LYS CD  CE   sing N N 208 
LYS CD  HD2  sing N N 209 
LYS CD  HD3  sing N N 210 
LYS CE  NZ   sing N N 211 
LYS CE  HE2  sing N N 212 
LYS CE  HE3  sing N N 213 
LYS NZ  HZ1  sing N N 214 
LYS NZ  HZ2  sing N N 215 
LYS NZ  HZ3  sing N N 216 
LYS OXT HXT  sing N N 217 
MET N   CA   sing N N 218 
MET N   H    sing N N 219 
MET N   H2   sing N N 220 
MET CA  C    sing N N 221 
MET CA  CB   sing N N 222 
MET CA  HA   sing N N 223 
MET C   O    doub N N 224 
MET C   OXT  sing N N 225 
MET CB  CG   sing N N 226 
MET CB  HB2  sing N N 227 
MET CB  HB3  sing N N 228 
MET CG  SD   sing N N 229 
MET CG  HG2  sing N N 230 
MET CG  HG3  sing N N 231 
MET SD  CE   sing N N 232 
MET CE  HE1  sing N N 233 
MET CE  HE2  sing N N 234 
MET CE  HE3  sing N N 235 
MET OXT HXT  sing N N 236 
PHE N   CA   sing N N 237 
PHE N   H    sing N N 238 
PHE N   H2   sing N N 239 
PHE CA  C    sing N N 240 
PHE CA  CB   sing N N 241 
PHE CA  HA   sing N N 242 
PHE C   O    doub N N 243 
PHE C   OXT  sing N N 244 
PHE CB  CG   sing N N 245 
PHE CB  HB2  sing N N 246 
PHE CB  HB3  sing N N 247 
PHE CG  CD1  doub Y N 248 
PHE CG  CD2  sing Y N 249 
PHE CD1 CE1  sing Y N 250 
PHE CD1 HD1  sing N N 251 
PHE CD2 CE2  doub Y N 252 
PHE CD2 HD2  sing N N 253 
PHE CE1 CZ   doub Y N 254 
PHE CE1 HE1  sing N N 255 
PHE CE2 CZ   sing Y N 256 
PHE CE2 HE2  sing N N 257 
PHE CZ  HZ   sing N N 258 
PHE OXT HXT  sing N N 259 
PRO N   CA   sing N N 260 
PRO N   CD   sing N N 261 
PRO N   H    sing N N 262 
PRO CA  C    sing N N 263 
PRO CA  CB   sing N N 264 
PRO CA  HA   sing N N 265 
PRO C   O    doub N N 266 
PRO C   OXT  sing N N 267 
PRO CB  CG   sing N N 268 
PRO CB  HB2  sing N N 269 
PRO CB  HB3  sing N N 270 
PRO CG  CD   sing N N 271 
PRO CG  HG2  sing N N 272 
PRO CG  HG3  sing N N 273 
PRO CD  HD2  sing N N 274 
PRO CD  HD3  sing N N 275 
PRO OXT HXT  sing N N 276 
SER N   CA   sing N N 277 
SER N   H    sing N N 278 
SER N   H2   sing N N 279 
SER CA  C    sing N N 280 
SER CA  CB   sing N N 281 
SER CA  HA   sing N N 282 
SER C   O    doub N N 283 
SER C   OXT  sing N N 284 
SER CB  OG   sing N N 285 
SER CB  HB2  sing N N 286 
SER CB  HB3  sing N N 287 
SER OG  HG   sing N N 288 
SER OXT HXT  sing N N 289 
THR N   CA   sing N N 290 
THR N   H    sing N N 291 
THR N   H2   sing N N 292 
THR CA  C    sing N N 293 
THR CA  CB   sing N N 294 
THR CA  HA   sing N N 295 
THR C   O    doub N N 296 
THR C   OXT  sing N N 297 
THR CB  OG1  sing N N 298 
THR CB  CG2  sing N N 299 
THR CB  HB   sing N N 300 
THR OG1 HG1  sing N N 301 
THR CG2 HG21 sing N N 302 
THR CG2 HG22 sing N N 303 
THR CG2 HG23 sing N N 304 
THR OXT HXT  sing N N 305 
TYR N   CA   sing N N 306 
TYR N   H    sing N N 307 
TYR N   H2   sing N N 308 
TYR CA  C    sing N N 309 
TYR CA  CB   sing N N 310 
TYR CA  HA   sing N N 311 
TYR C   O    doub N N 312 
TYR C   OXT  sing N N 313 
TYR CB  CG   sing N N 314 
TYR CB  HB2  sing N N 315 
TYR CB  HB3  sing N N 316 
TYR CG  CD1  doub Y N 317 
TYR CG  CD2  sing Y N 318 
TYR CD1 CE1  sing Y N 319 
TYR CD1 HD1  sing N N 320 
TYR CD2 CE2  doub Y N 321 
TYR CD2 HD2  sing N N 322 
TYR CE1 CZ   doub Y N 323 
TYR CE1 HE1  sing N N 324 
TYR CE2 CZ   sing Y N 325 
TYR CE2 HE2  sing N N 326 
TYR CZ  OH   sing N N 327 
TYR OH  HH   sing N N 328 
TYR OXT HXT  sing N N 329 
VAL N   CA   sing N N 330 
VAL N   H    sing N N 331 
VAL N   H2   sing N N 332 
VAL CA  C    sing N N 333 
VAL CA  CB   sing N N 334 
VAL CA  HA   sing N N 335 
VAL C   O    doub N N 336 
VAL C   OXT  sing N N 337 
VAL CB  CG1  sing N N 338 
VAL CB  CG2  sing N N 339 
VAL CB  HB   sing N N 340 
VAL CG1 HG11 sing N N 341 
VAL CG1 HG12 sing N N 342 
VAL CG1 HG13 sing N N 343 
VAL CG2 HG21 sing N N 344 
VAL CG2 HG22 sing N N 345 
VAL CG2 HG23 sing N N 346 
VAL OXT HXT  sing N N 347 
# 
_pdbx_entity_instance_feature.ordinal        1 
_pdbx_entity_instance_feature.comp_id        UNX 
_pdbx_entity_instance_feature.asym_id        ? 
_pdbx_entity_instance_feature.seq_num        ? 
_pdbx_entity_instance_feature.auth_comp_id   UNX 
_pdbx_entity_instance_feature.auth_asym_id   ? 
_pdbx_entity_instance_feature.auth_seq_num   ? 
_pdbx_entity_instance_feature.feature_type   'SUBJECT OF INVESTIGATION' 
_pdbx_entity_instance_feature.details        ? 
# 
loop_
_pdbx_entity_nonpoly.entity_id 
_pdbx_entity_nonpoly.name 
_pdbx_entity_nonpoly.comp_id 
2 'UNKNOWN ATOM OR ION' UNX 
3 water                 HOH 
# 
_pdbx_initial_refinement_model.id               1 
_pdbx_initial_refinement_model.entity_id_list   ? 
_pdbx_initial_refinement_model.type             'experimental model' 
_pdbx_initial_refinement_model.source_name      PDB 
_pdbx_initial_refinement_model.accession_code   5DTC 
_pdbx_initial_refinement_model.details          'PDB entry 5DTC' 
# 
_pdbx_struct_assembly_auth_evidence.id                     1 
_pdbx_struct_assembly_auth_evidence.assembly_id            1 
_pdbx_struct_assembly_auth_evidence.experimental_support   'gel filtration' 
_pdbx_struct_assembly_auth_evidence.details                ? 
# 
